data_2PYJ
#
_entry.id   2PYJ
#
_cell.length_a   72.835
_cell.length_b   114.667
_cell.length_c   104.761
_cell.angle_alpha   90.00
_cell.angle_beta   94.07
_cell.angle_gamma   90.00
#
_symmetry.space_group_name_H-M   'P 1 21 1'
#
loop_
_entity.id
_entity.type
_entity.pdbx_description
1 polymer "5'-d(GACTGCTTA(DOC)-3'"
2 polymer "5'-d(ACACGTAAGCAGTC)-3'"
3 polymer 'DNA polymerase'
4 non-polymer 1,2-ETHANEDIOL
5 non-polymer 'MANGANESE (II) ION'
6 non-polymer 'MAGNESIUM ION'
7 non-polymer "2'-DEOXYGUANOSINE-5'-TRIPHOSPHATE"
8 water water
#
loop_
_entity_poly.entity_id
_entity_poly.type
_entity_poly.pdbx_seq_one_letter_code
_entity_poly.pdbx_strand_id
1 'polydeoxyribonucleotide' (DG)(DA)(DC)(DT)(DG)(DC)(DT)(DT)(DA)(DOC) X,Q,J
2 'polydeoxyribonucleotide' (DA)(DC)(DA)(DC)(DG)(DT)(DA)(DA)(DG)(DC)(DA)(DG)(DT)(DC) Y,R,K
3 'polypeptide(L)'
;MKHMPRKMYSCAFETTTKVEDCRVWAYGYMNIEDHSEYKIGNSLDEFMAWVLKVQADLYFHNLKFAGAFIINWLERNGFK
WSADGLPNTYNTIISRMGQWYMIDICLGYKGKRKIHTVIYDSLKKLPFPVKKIAKDFKLTVLKGDIDYHKERPVGYKITP
EEYAYIKNDIQIIAEALLIQFKQGLDRMTAGSDSLKGFKDIITTKKFKKVFPTLSLGLDKEVRYAYRGGFTWLNDRFKEK
EIGEGMVFDVNSLYPAQMYSRLLPYGEPIVFEGKYVWDEDYPLHIQHIRCEFELKEGYIPTIQIKRSRFYKGNEYLKSSG
GEIADLWLSNVDLELMKEHYDLYNVEYISGLKFKATTGLFKDFIDKWTYIKTTSEGAIKQLAKLMLNSLYGKFASNPDVT
GKVPYLKENGALGFRLGEEETKDPVYTPMGVFITAWARYTTITAAQACYDRIIYCDTDSIHLTGTEIPDVIKDIVDPKKL
GYWAHESTFKRAKYLRQKTYIQDIYMKEVDGKLVEGSPDDYTDIKFSVKCAGMTDKIKKEVTFENFKVGFSRKMKPKPVQ
VPGGVVLVDDTFTIK
;
A,B
#
# COMPACT_ATOMS: atom_id res chain seq x y z
N PRO G 5 -23.80 24.54 -41.45
CA PRO G 5 -23.20 23.27 -41.01
C PRO G 5 -21.68 23.35 -40.91
N ARG G 6 -21.14 22.99 -39.75
CA ARG G 6 -19.70 23.09 -39.51
C ARG G 6 -18.93 21.99 -40.25
N LYS G 7 -17.78 22.37 -40.80
CA LYS G 7 -16.91 21.41 -41.48
C LYS G 7 -16.19 20.53 -40.45
N MET G 8 -15.80 19.33 -40.88
CA MET G 8 -15.15 18.35 -40.01
C MET G 8 -13.84 17.87 -40.63
N TYR G 9 -12.77 17.87 -39.84
CA TYR G 9 -11.46 17.45 -40.32
C TYR G 9 -10.85 16.35 -39.46
N SER G 10 -10.24 15.36 -40.12
CA SER G 10 -9.39 14.39 -39.45
C SER G 10 -7.94 14.92 -39.45
N CYS G 11 -7.31 14.94 -38.27
CA CYS G 11 -5.99 15.54 -38.07
C CYS G 11 -5.00 14.64 -37.35
N ALA G 12 -3.72 14.89 -37.58
CA ALA G 12 -2.66 14.14 -36.87
C ALA G 12 -1.37 14.97 -36.75
N PHE G 13 -0.61 14.72 -35.68
CA PHE G 13 0.76 15.22 -35.55
C PHE G 13 1.75 14.10 -35.56
N GLU G 14 2.96 14.39 -36.02
CA GLU G 14 4.10 13.54 -35.81
C GLU G 14 5.07 14.35 -34.96
N THR G 15 5.52 13.76 -33.86
CA THR G 15 6.29 14.49 -32.85
C THR G 15 7.64 13.83 -32.53
N THR G 16 8.55 14.62 -31.99
CA THR G 16 9.83 14.14 -31.49
C THR G 16 9.65 13.52 -30.09
N THR G 17 10.64 12.77 -29.66
CA THR G 17 10.51 11.91 -28.47
C THR G 17 11.48 12.26 -27.33
N LYS G 18 12.20 13.37 -27.47
CA LYS G 18 13.21 13.78 -26.48
C LYS G 18 12.64 14.77 -25.46
N VAL G 19 12.95 14.55 -24.18
CA VAL G 19 12.41 15.41 -23.11
C VAL G 19 12.92 16.84 -23.28
N GLU G 20 14.19 16.96 -23.68
CA GLU G 20 14.86 18.25 -23.89
C GLU G 20 14.51 18.93 -25.23
N ASP G 21 13.83 18.22 -26.12
CA ASP G 21 13.50 18.76 -27.45
C ASP G 21 12.18 18.19 -27.97
N CYS G 22 11.09 18.55 -27.30
CA CYS G 22 9.78 18.01 -27.61
C CYS G 22 8.97 18.96 -28.49
N ARG G 23 8.67 18.52 -29.71
CA ARG G 23 7.96 19.35 -30.67
C ARG G 23 7.33 18.55 -31.80
N VAL G 24 6.33 19.16 -32.44
CA VAL G 24 5.74 18.67 -33.67
C VAL G 24 6.72 18.88 -34.83
N TRP G 25 6.97 17.83 -35.62
CA TRP G 25 7.77 17.96 -36.86
C TRP G 25 6.94 17.77 -38.13
N ALA G 26 5.72 17.25 -37.97
CA ALA G 26 4.79 17.14 -39.08
C ALA G 26 3.36 17.20 -38.56
N TYR G 27 2.48 17.73 -39.40
CA TYR G 27 1.07 17.73 -39.11
C TYR G 27 0.32 17.38 -40.38
N GLY G 28 -0.90 16.88 -40.22
CA GLY G 28 -1.80 16.69 -41.35
C GLY G 28 -3.23 17.00 -40.97
N TYR G 29 -4.00 17.52 -41.92
CA TYR G 29 -5.46 17.60 -41.78
C TYR G 29 -6.12 17.20 -43.09
N MET G 30 -7.33 16.63 -43.00
CA MET G 30 -8.09 16.22 -44.17
C MET G 30 -9.58 16.39 -43.90
N ASN G 31 -10.28 17.08 -44.80
CA ASN G 31 -11.74 17.22 -44.73
C ASN G 31 -12.36 15.82 -44.80
N ILE G 32 -13.15 15.45 -43.79
CA ILE G 32 -13.76 14.11 -43.71
CA ILE G 32 -13.71 14.08 -43.77
C ILE G 32 -14.80 13.88 -44.84
N GLU G 33 -15.40 14.98 -45.29
CA GLU G 33 -16.39 14.94 -46.37
C GLU G 33 -15.81 15.30 -47.75
N ASP G 34 -14.50 15.55 -47.80
CA ASP G 34 -13.82 15.86 -49.07
C ASP G 34 -12.30 15.63 -48.93
N HIS G 35 -11.84 14.45 -49.30
CA HIS G 35 -10.43 14.07 -49.11
C HIS G 35 -9.45 14.92 -49.91
N SER G 36 -9.92 15.53 -51.00
CA SER G 36 -9.11 16.43 -51.83
C SER G 36 -8.67 17.66 -51.04
N GLU G 37 -9.49 18.07 -50.06
CA GLU G 37 -9.11 19.17 -49.16
C GLU G 37 -8.31 18.61 -47.98
N TYR G 38 -7.00 18.55 -48.18
CA TYR G 38 -6.09 18.11 -47.15
C TYR G 38 -4.80 18.91 -47.26
N LYS G 39 -3.93 18.76 -46.27
CA LYS G 39 -2.65 19.43 -46.25
C LYS G 39 -1.77 18.80 -45.20
N ILE G 40 -0.51 18.60 -45.57
CA ILE G 40 0.51 18.07 -44.68
C ILE G 40 1.67 19.08 -44.68
N GLY G 41 2.23 19.35 -43.51
CA GLY G 41 3.32 20.33 -43.38
C GLY G 41 4.19 20.06 -42.17
N ASN G 42 5.25 20.85 -42.01
CA ASN G 42 6.27 20.58 -40.98
C ASN G 42 6.34 21.63 -39.87
N SER G 43 5.28 22.42 -39.73
CA SER G 43 5.25 23.54 -38.80
C SER G 43 3.96 23.57 -37.99
N LEU G 44 4.09 23.47 -36.67
CA LEU G 44 2.94 23.64 -35.77
C LEU G 44 2.34 25.04 -35.89
N ASP G 45 3.19 26.05 -36.08
CA ASP G 45 2.75 27.42 -36.26
C ASP G 45 1.78 27.53 -37.44
N GLU G 46 2.17 26.89 -38.55
CA GLU G 46 1.38 26.88 -39.77
C GLU G 46 0.05 26.13 -39.58
N PHE G 47 0.09 25.02 -38.85
CA PHE G 47 -1.14 24.29 -38.52
C PHE G 47 -2.08 25.09 -37.62
N MET G 48 -1.53 25.73 -36.57
CA MET G 48 -2.37 26.49 -35.63
C MET G 48 -2.96 27.78 -36.20
N ALA G 49 -2.27 28.40 -37.16
CA ALA G 49 -2.85 29.53 -37.91
C ALA G 49 -4.13 29.07 -38.63
N TRP G 50 -4.06 27.90 -39.26
CA TRP G 50 -5.22 27.30 -39.92
C TRP G 50 -6.32 26.95 -38.91
N VAL G 51 -5.92 26.42 -37.76
CA VAL G 51 -6.85 26.09 -36.68
C VAL G 51 -7.69 27.30 -36.27
N LEU G 52 -7.02 28.44 -36.04
CA LEU G 52 -7.69 29.65 -35.58
C LEU G 52 -8.61 30.26 -36.66
N LYS G 53 -8.31 30.01 -37.93
CA LYS G 53 -9.11 30.57 -39.04
C LYS G 53 -10.24 29.65 -39.50
N VAL G 54 -10.05 28.33 -39.36
CA VAL G 54 -10.93 27.37 -40.03
C VAL G 54 -12.36 27.30 -39.43
N GLN G 55 -12.50 27.65 -38.15
CA GLN G 55 -13.82 27.64 -37.46
C GLN G 55 -14.59 26.34 -37.71
N ALA G 56 -13.94 25.21 -37.44
CA ALA G 56 -14.49 23.91 -37.76
C ALA G 56 -14.35 22.93 -36.58
N ASP G 57 -14.78 21.70 -36.81
CA ASP G 57 -14.64 20.62 -35.85
C ASP G 57 -13.48 19.73 -36.28
N LEU G 58 -12.49 19.58 -35.40
CA LEU G 58 -11.31 18.78 -35.71
C LEU G 58 -11.31 17.53 -34.86
N TYR G 59 -10.78 16.44 -35.43
CA TYR G 59 -10.61 15.18 -34.71
C TYR G 59 -9.15 14.73 -34.78
N PHE G 60 -8.57 14.47 -33.62
CA PHE G 60 -7.28 13.82 -33.48
C PHE G 60 -7.53 12.47 -32.84
N HIS G 61 -6.73 11.51 -33.23
CA HIS G 61 -6.79 10.18 -32.66
C HIS G 61 -5.83 10.13 -31.49
N ASN G 62 -6.41 10.09 -30.30
CA ASN G 62 -5.70 10.26 -29.01
C ASN G 62 -5.43 11.73 -28.71
N LEU G 63 -6.51 12.47 -28.46
CA LEU G 63 -6.46 13.89 -28.17
C LEU G 63 -5.57 14.22 -26.97
N LYS G 64 -5.48 13.30 -26.03
CA LYS G 64 -4.64 13.49 -24.85
C LYS G 64 -3.17 13.80 -25.24
N PHE G 65 -2.71 13.18 -26.32
CA PHE G 65 -1.35 13.34 -26.79
C PHE G 65 -1.20 14.62 -27.60
N ALA G 66 -1.90 14.71 -28.73
CA ALA G 66 -1.85 15.89 -29.61
C ALA G 66 -2.25 17.17 -28.88
N GLY G 67 -3.28 17.05 -28.04
CA GLY G 67 -3.77 18.14 -27.21
C GLY G 67 -2.75 18.85 -26.36
N ALA G 68 -1.78 18.10 -25.84
CA ALA G 68 -0.67 18.66 -25.05
C ALA G 68 0.17 19.64 -25.87
N PHE G 69 0.45 19.26 -27.11
CA PHE G 69 1.18 20.10 -28.07
C PHE G 69 0.39 21.33 -28.46
N ILE G 70 -0.92 21.14 -28.65
CA ILE G 70 -1.82 22.25 -28.99
C ILE G 70 -1.91 23.26 -27.85
N ILE G 71 -2.12 22.76 -26.62
CA ILE G 71 -2.24 23.66 -25.48
C ILE G 71 -0.90 24.34 -25.14
N ASN G 72 0.22 23.63 -25.32
CA ASN G 72 1.54 24.27 -25.19
C ASN G 72 1.67 25.49 -26.12
N TRP G 73 1.23 25.33 -27.37
CA TRP G 73 1.24 26.43 -28.36
C TRP G 73 0.32 27.58 -27.94
N LEU G 74 -0.91 27.25 -27.52
CA LEU G 74 -1.91 28.25 -27.13
C LEU G 74 -1.42 29.14 -25.98
N GLU G 75 -0.84 28.51 -24.96
CA GLU G 75 -0.32 29.21 -23.78
C GLU G 75 0.86 30.12 -24.12
N ARG G 76 1.59 29.77 -25.18
CA ARG G 76 2.72 30.54 -25.68
C ARG G 76 2.32 31.67 -26.64
N ASN G 77 1.09 31.63 -27.15
CA ASN G 77 0.61 32.60 -28.11
C ASN G 77 -0.63 33.39 -27.65
N GLY G 78 -0.71 33.63 -26.35
CA GLY G 78 -1.66 34.62 -25.81
C GLY G 78 -3.03 34.12 -25.40
N PHE G 79 -3.23 32.80 -25.45
CA PHE G 79 -4.48 32.21 -24.98
C PHE G 79 -4.35 31.80 -23.51
N LYS G 80 -5.42 32.00 -22.75
CA LYS G 80 -5.53 31.49 -21.39
C LYS G 80 -6.72 30.53 -21.32
N TRP G 81 -6.76 29.70 -20.30
CA TRP G 81 -7.89 28.80 -20.10
C TRP G 81 -9.06 29.58 -19.52
N SER G 82 -10.25 29.34 -20.04
CA SER G 82 -11.47 29.93 -19.49
C SER G 82 -12.67 29.05 -19.79
N ALA G 83 -13.53 28.88 -18.79
CA ALA G 83 -14.79 28.16 -18.96
C ALA G 83 -15.88 29.07 -19.58
N ASP G 84 -15.61 30.38 -19.62
CA ASP G 84 -16.62 31.38 -20.02
C ASP G 84 -16.70 31.65 -21.53
N GLY G 85 -15.71 31.22 -22.29
CA GLY G 85 -15.69 31.44 -23.74
C GLY G 85 -15.35 32.87 -24.11
N LEU G 86 -14.39 33.46 -23.39
CA LEU G 86 -13.93 34.82 -23.68
C LEU G 86 -13.02 34.85 -24.91
N PRO G 87 -12.90 36.02 -25.57
CA PRO G 87 -11.97 36.14 -26.70
C PRO G 87 -10.57 35.74 -26.28
N ASN G 88 -9.86 35.08 -27.19
CA ASN G 88 -8.48 34.64 -26.95
C ASN G 88 -8.37 33.75 -25.70
N THR G 89 -9.35 32.85 -25.55
CA THR G 89 -9.29 31.81 -24.51
C THR G 89 -9.64 30.45 -25.10
N TYR G 90 -9.34 29.40 -24.34
CA TYR G 90 -9.73 28.05 -24.71
C TYR G 90 -10.38 27.35 -23.50
N ASN G 91 -11.32 26.48 -23.79
CA ASN G 91 -11.99 25.66 -22.78
C ASN G 91 -11.62 24.22 -23.05
N THR G 92 -11.69 23.40 -22.01
CA THR G 92 -11.38 21.98 -22.13
C THR G 92 -12.42 21.12 -21.42
N ILE G 93 -12.52 19.87 -21.85
CA ILE G 93 -13.15 18.83 -21.05
C ILE G 93 -12.07 17.77 -20.82
N ILE G 94 -11.53 17.78 -19.62
CA ILE G 94 -10.55 16.81 -19.18
C ILE G 94 -11.04 16.32 -17.83
N SER G 95 -11.33 15.02 -17.72
CA SER G 95 -11.96 14.49 -16.52
C SER G 95 -10.97 14.39 -15.35
N ARG G 96 -11.50 14.16 -14.15
CA ARG G 96 -10.70 13.83 -12.95
C ARG G 96 -9.72 12.67 -13.18
N MET G 97 -10.12 11.72 -14.04
CA MET G 97 -9.27 10.56 -14.35
C MET G 97 -8.23 10.84 -15.46
N GLY G 98 -8.18 12.09 -15.95
CA GLY G 98 -7.23 12.48 -17.00
C GLY G 98 -7.64 12.13 -18.42
N GLN G 99 -8.93 11.93 -18.64
CA GLN G 99 -9.44 11.63 -19.99
C GLN G 99 -9.76 12.95 -20.72
N TRP G 100 -9.24 13.09 -21.94
CA TRP G 100 -9.45 14.30 -22.75
C TRP G 100 -10.59 14.09 -23.73
N TYR G 101 -11.56 15.00 -23.73
CA TYR G 101 -12.74 14.91 -24.63
C TYR G 101 -12.85 16.08 -25.60
N MET G 102 -12.39 17.26 -25.20
CA MET G 102 -12.62 18.47 -25.98
C MET G 102 -11.61 19.58 -25.68
N ILE G 103 -11.19 20.28 -26.73
CA ILE G 103 -10.52 21.58 -26.61
C ILE G 103 -11.33 22.55 -27.47
N ASP G 104 -11.86 23.60 -26.84
CA ASP G 104 -12.68 24.57 -27.53
C ASP G 104 -11.98 25.94 -27.54
N ILE G 105 -11.43 26.30 -28.70
CA ILE G 105 -10.62 27.53 -28.86
C ILE G 105 -11.45 28.68 -29.38
N CYS G 106 -11.62 29.72 -28.55
CA CYS G 106 -12.48 30.85 -28.86
C CYS G 106 -11.69 32.09 -29.34
N LEU G 107 -12.07 32.60 -30.50
CA LEU G 107 -11.47 33.83 -31.05
C LEU G 107 -12.29 35.05 -30.69
N GLY G 108 -13.54 34.82 -30.29
CA GLY G 108 -14.45 35.91 -29.96
C GLY G 108 -15.82 35.64 -30.55
N TYR G 109 -16.60 36.71 -30.67
CA TYR G 109 -17.97 36.61 -31.16
C TYR G 109 -18.23 37.61 -32.25
N LYS G 110 -19.00 37.19 -33.25
CA LYS G 110 -19.64 38.10 -34.18
C LYS G 110 -21.11 38.18 -33.78
N GLY G 111 -21.45 39.26 -33.07
CA GLY G 111 -22.76 39.38 -32.45
C GLY G 111 -22.86 38.42 -31.29
N LYS G 112 -23.75 37.43 -31.41
CA LYS G 112 -23.93 36.40 -30.38
C LYS G 112 -23.44 35.04 -30.86
N ARG G 113 -22.85 35.01 -32.05
CA ARG G 113 -22.38 33.78 -32.66
C ARG G 113 -20.88 33.60 -32.37
N LYS G 114 -20.55 32.48 -31.72
CA LYS G 114 -19.19 32.20 -31.29
C LYS G 114 -18.27 31.88 -32.46
N ILE G 115 -17.12 32.55 -32.50
CA ILE G 115 -16.09 32.27 -33.49
C ILE G 115 -15.08 31.34 -32.83
N HIS G 116 -15.13 30.06 -33.18
CA HIS G 116 -14.32 29.06 -32.49
C HIS G 116 -14.06 27.81 -33.32
N THR G 117 -13.01 27.11 -32.92
CA THR G 117 -12.66 25.80 -33.45
C THR G 117 -12.69 24.83 -32.30
N VAL G 118 -13.33 23.68 -32.51
CA VAL G 118 -13.47 22.65 -31.50
C VAL G 118 -12.72 21.39 -31.91
N ILE G 119 -11.97 20.82 -30.96
CA ILE G 119 -11.12 19.67 -31.22
C ILE G 119 -11.56 18.47 -30.36
N TYR G 120 -11.85 17.36 -31.02
CA TYR G 120 -12.39 16.17 -30.35
C TYR G 120 -11.41 15.01 -30.41
N ASP G 121 -11.71 13.97 -29.65
CA ASP G 121 -10.91 12.75 -29.64
C ASP G 121 -11.63 11.65 -30.43
N SER G 122 -11.06 11.28 -31.58
CA SER G 122 -11.66 10.17 -32.37
C SER G 122 -11.50 8.82 -31.65
N LEU G 123 -10.57 8.75 -30.69
CA LEU G 123 -10.35 7.54 -29.89
C LEU G 123 -11.54 7.24 -28.98
N LYS G 124 -12.34 8.26 -28.67
CA LYS G 124 -13.55 8.08 -27.85
C LYS G 124 -14.69 7.41 -28.64
N LYS G 125 -14.60 7.50 -29.97
CA LYS G 125 -15.56 6.86 -30.90
C LYS G 125 -15.00 5.54 -31.44
N LEU G 126 -13.68 5.50 -31.62
CA LEU G 126 -12.97 4.38 -32.25
C LEU G 126 -11.73 4.02 -31.43
N PRO G 127 -11.94 3.33 -30.30
CA PRO G 127 -10.83 3.07 -29.36
C PRO G 127 -9.92 1.91 -29.78
N PHE G 128 -9.29 2.06 -30.95
CA PHE G 128 -8.39 1.06 -31.52
C PHE G 128 -7.22 1.79 -32.18
N PRO G 129 -6.07 1.10 -32.38
CA PRO G 129 -5.03 1.70 -33.24
C PRO G 129 -5.50 1.93 -34.68
N VAL G 130 -4.87 2.90 -35.36
CA VAL G 130 -5.24 3.25 -36.73
C VAL G 130 -5.17 2.06 -37.69
N LYS G 131 -4.15 1.24 -37.57
CA LYS G 131 -3.98 0.09 -38.45
C LYS G 131 -5.10 -0.95 -38.26
N LYS G 132 -5.55 -1.10 -37.01
CA LYS G 132 -6.65 -2.03 -36.70
C LYS G 132 -7.98 -1.51 -37.22
N ILE G 133 -8.22 -0.21 -37.11
CA ILE G 133 -9.37 0.44 -37.71
C ILE G 133 -9.42 0.18 -39.23
N ALA G 134 -8.27 0.36 -39.90
CA ALA G 134 -8.19 0.13 -41.35
C ALA G 134 -8.50 -1.33 -41.72
N LYS G 135 -7.89 -2.25 -40.97
CA LYS G 135 -8.08 -3.70 -41.17
C LYS G 135 -9.54 -4.14 -41.05
N ASP G 136 -10.19 -3.73 -39.96
CA ASP G 136 -11.55 -4.18 -39.65
C ASP G 136 -12.65 -3.37 -40.32
N PHE G 137 -12.37 -2.09 -40.61
CA PHE G 137 -13.28 -1.26 -41.46
C PHE G 137 -12.99 -1.47 -42.94
N LYS G 138 -11.92 -2.23 -43.22
CA LYS G 138 -11.52 -2.62 -44.56
C LYS G 138 -11.25 -1.40 -45.41
N LEU G 139 -10.35 -0.58 -44.91
CA LEU G 139 -9.91 0.63 -45.57
C LEU G 139 -8.48 0.42 -46.05
N THR G 140 -8.03 1.26 -46.97
CA THR G 140 -6.67 1.15 -47.52
C THR G 140 -5.65 1.49 -46.43
N VAL G 141 -4.64 0.64 -46.31
CA VAL G 141 -3.61 0.85 -45.33
C VAL G 141 -2.24 0.54 -45.97
N LEU G 142 -1.31 1.49 -45.82
CA LEU G 142 0.04 1.31 -46.31
C LEU G 142 0.83 0.41 -45.37
N LYS G 143 1.59 -0.52 -45.96
CA LYS G 143 2.49 -1.35 -45.16
C LYS G 143 3.66 -0.52 -44.65
N GLY G 144 4.06 -0.75 -43.40
CA GLY G 144 5.21 -0.07 -42.81
C GLY G 144 4.85 1.10 -41.92
N ASP G 145 5.88 1.75 -41.38
CA ASP G 145 5.72 2.78 -40.36
C ASP G 145 6.75 3.89 -40.49
N ILE G 146 6.42 5.05 -39.95
CA ILE G 146 7.38 6.13 -39.77
C ILE G 146 8.39 5.72 -38.70
N ASP G 147 9.66 6.01 -38.94
CA ASP G 147 10.73 5.78 -37.96
C ASP G 147 10.75 6.94 -36.98
N TYR G 148 10.24 6.71 -35.77
CA TYR G 148 10.14 7.75 -34.73
C TYR G 148 11.47 8.02 -34.01
N HIS G 149 12.42 7.09 -34.15
CA HIS G 149 13.74 7.21 -33.53
C HIS G 149 14.71 8.10 -34.32
N LYS G 150 14.29 8.54 -35.49
CA LYS G 150 15.12 9.36 -36.39
C LYS G 150 15.29 10.77 -35.88
N GLU G 151 16.52 11.29 -35.88
CA GLU G 151 16.72 12.72 -35.55
C GLU G 151 16.13 13.62 -36.65
N ARG G 152 15.41 14.64 -36.22
CA ARG G 152 14.71 15.55 -37.13
C ARG G 152 14.78 16.96 -36.58
N PRO G 153 15.74 17.78 -37.09
CA PRO G 153 15.91 19.16 -36.62
C PRO G 153 14.77 20.07 -37.08
N VAL G 154 14.55 21.16 -36.34
CA VAL G 154 13.54 22.17 -36.73
C VAL G 154 13.68 22.50 -38.23
N GLY G 155 12.56 22.48 -38.94
CA GLY G 155 12.57 22.68 -40.39
C GLY G 155 12.84 21.42 -41.21
N TYR G 156 13.04 20.29 -40.53
CA TYR G 156 13.25 19.01 -41.24
C TYR G 156 12.17 18.81 -42.30
N LYS G 157 12.60 18.44 -43.50
CA LYS G 157 11.67 18.26 -44.61
C LYS G 157 11.09 16.84 -44.67
N ILE G 158 9.77 16.77 -44.74
CA ILE G 158 9.04 15.51 -44.77
C ILE G 158 9.31 14.75 -46.07
N THR G 159 9.75 13.50 -45.95
CA THR G 159 9.99 12.65 -47.11
C THR G 159 8.66 12.30 -47.80
N PRO G 160 8.70 11.89 -49.09
CA PRO G 160 7.49 11.39 -49.74
C PRO G 160 6.83 10.21 -48.99
N GLU G 161 7.65 9.33 -48.40
CA GLU G 161 7.14 8.18 -47.68
C GLU G 161 6.41 8.58 -46.41
N GLU G 162 7.03 9.48 -45.64
CA GLU G 162 6.43 10.02 -44.41
C GLU G 162 5.13 10.75 -44.72
N TYR G 163 5.15 11.55 -45.78
CA TYR G 163 3.97 12.26 -46.28
C TYR G 163 2.82 11.27 -46.51
N ALA G 164 3.10 10.22 -47.25
CA ALA G 164 2.12 9.18 -47.58
C ALA G 164 1.56 8.49 -46.34
N TYR G 165 2.43 8.25 -45.34
CA TYR G 165 1.99 7.65 -44.07
C TYR G 165 1.04 8.57 -43.30
N ILE G 166 1.40 9.86 -43.18
CA ILE G 166 0.55 10.82 -42.50
C ILE G 166 -0.82 10.93 -43.19
N LYS G 167 -0.79 11.05 -44.51
CA LYS G 167 -2.01 11.17 -45.33
C LYS G 167 -2.92 9.94 -45.17
N ASN G 168 -2.31 8.76 -45.20
CA ASN G 168 -3.01 7.50 -44.97
C ASN G 168 -3.68 7.47 -43.58
N ASP G 169 -2.90 7.78 -42.54
CA ASP G 169 -3.39 7.83 -41.16
C ASP G 169 -4.62 8.73 -40.98
N ILE G 170 -4.54 9.96 -41.49
CA ILE G 170 -5.67 10.88 -41.36
C ILE G 170 -6.87 10.45 -42.23
N GLN G 171 -6.60 9.79 -43.35
CA GLN G 171 -7.67 9.33 -44.25
C GLN G 171 -8.42 8.12 -43.68
N ILE G 172 -7.69 7.18 -43.08
CA ILE G 172 -8.29 6.00 -42.41
C ILE G 172 -9.30 6.47 -41.36
N ILE G 173 -8.88 7.39 -40.49
CA ILE G 173 -9.75 7.93 -39.45
C ILE G 173 -10.91 8.73 -40.06
N ALA G 174 -10.62 9.53 -41.10
CA ALA G 174 -11.67 10.28 -41.80
C ALA G 174 -12.74 9.34 -42.35
N GLU G 175 -12.29 8.26 -42.98
CA GLU G 175 -13.17 7.26 -43.59
C GLU G 175 -14.01 6.50 -42.57
N ALA G 176 -13.39 6.09 -41.47
CA ALA G 176 -14.08 5.38 -40.38
C ALA G 176 -15.10 6.27 -39.67
N LEU G 177 -14.70 7.51 -39.37
CA LEU G 177 -15.62 8.48 -38.76
C LEU G 177 -16.84 8.73 -39.64
N LEU G 178 -16.61 8.86 -40.96
CA LEU G 178 -17.71 9.11 -41.90
C LEU G 178 -18.65 7.90 -41.99
N ILE G 179 -18.09 6.69 -41.96
CA ILE G 179 -18.88 5.46 -41.90
C ILE G 179 -19.84 5.49 -40.69
N GLN G 180 -19.31 5.89 -39.53
CA GLN G 180 -20.12 5.98 -38.32
CA GLN G 180 -20.11 6.01 -38.31
C GLN G 180 -21.12 7.15 -38.40
N PHE G 181 -20.66 8.31 -38.88
CA PHE G 181 -21.57 9.48 -39.06
C PHE G 181 -22.78 9.15 -39.90
N LYS G 182 -22.58 8.45 -41.01
CA LYS G 182 -23.67 8.12 -41.93
C LYS G 182 -24.62 7.06 -41.35
N GLN G 183 -24.16 6.33 -40.32
CA GLN G 183 -25.02 5.43 -39.55
C GLN G 183 -25.83 6.16 -38.45
N GLY G 184 -25.55 7.46 -38.28
CA GLY G 184 -26.22 8.26 -37.24
C GLY G 184 -25.46 8.23 -35.91
N LEU G 185 -24.26 7.68 -35.93
CA LEU G 185 -23.39 7.65 -34.75
C LEU G 185 -22.54 8.92 -34.77
N ASP G 186 -23.17 10.04 -34.43
CA ASP G 186 -22.57 11.39 -34.63
C ASP G 186 -22.17 12.14 -33.34
N ARG G 187 -22.35 11.50 -32.19
CA ARG G 187 -22.03 12.12 -30.90
C ARG G 187 -20.53 12.05 -30.67
N MET G 188 -20.04 12.78 -29.67
CA MET G 188 -18.59 12.92 -29.49
C MET G 188 -17.92 11.65 -28.92
N THR G 189 -18.74 10.74 -28.36
CA THR G 189 -18.23 9.46 -27.82
C THR G 189 -19.17 8.30 -28.16
N ALA G 190 -18.61 7.09 -28.14
CA ALA G 190 -19.39 5.83 -28.20
C ALA G 190 -20.52 5.77 -27.15
N GLY G 191 -20.16 6.04 -25.91
CA GLY G 191 -21.10 6.06 -24.79
C GLY G 191 -22.26 7.02 -24.99
N SER G 192 -21.96 8.20 -25.54
CA SER G 192 -22.96 9.21 -25.82
C SER G 192 -23.92 8.76 -26.93
N ASP G 193 -23.37 8.12 -27.97
CA ASP G 193 -24.19 7.51 -29.03
C ASP G 193 -25.08 6.39 -28.45
N SER G 194 -24.53 5.64 -27.50
CA SER G 194 -25.24 4.55 -26.84
C SER G 194 -26.51 5.01 -26.10
N LEU G 195 -26.37 5.97 -25.19
CA LEU G 195 -27.52 6.50 -24.42
C LEU G 195 -28.55 7.18 -25.33
N LYS G 196 -28.07 7.97 -26.29
CA LYS G 196 -28.95 8.64 -27.26
C LYS G 196 -29.75 7.60 -28.07
N GLY G 197 -29.04 6.60 -28.58
CA GLY G 197 -29.66 5.48 -29.30
C GLY G 197 -30.73 4.73 -28.51
N PHE G 198 -30.48 4.50 -27.23
CA PHE G 198 -31.48 3.90 -26.34
C PHE G 198 -32.70 4.81 -26.17
N LYS G 199 -32.45 6.12 -25.99
CA LYS G 199 -33.53 7.11 -25.87
C LYS G 199 -34.33 7.23 -27.15
N ASP G 200 -33.67 7.08 -28.30
CA ASP G 200 -34.37 7.09 -29.61
C ASP G 200 -35.37 5.93 -29.67
N ILE G 201 -34.97 4.77 -29.18
CA ILE G 201 -35.82 3.57 -29.18
C ILE G 201 -37.04 3.69 -28.24
N ILE G 202 -36.82 4.06 -26.98
CA ILE G 202 -37.94 4.10 -26.02
C ILE G 202 -38.66 5.45 -25.98
N THR G 203 -38.07 6.45 -26.64
CA THR G 203 -38.53 7.87 -26.65
C THR G 203 -38.10 8.59 -25.40
N THR G 204 -37.80 9.88 -25.55
CA THR G 204 -37.33 10.71 -24.45
C THR G 204 -38.42 10.93 -23.40
N LYS G 205 -39.66 11.02 -23.84
CA LYS G 205 -40.81 11.19 -22.93
C LYS G 205 -40.90 10.00 -21.97
N LYS G 206 -40.74 8.79 -22.50
CA LYS G 206 -40.79 7.59 -21.68
C LYS G 206 -39.56 7.50 -20.77
N PHE G 207 -38.38 7.84 -21.31
CA PHE G 207 -37.17 7.85 -20.50
C PHE G 207 -37.37 8.70 -19.25
N LYS G 208 -37.88 9.92 -19.44
CA LYS G 208 -38.13 10.86 -18.32
C LYS G 208 -39.08 10.30 -17.27
N LYS G 209 -40.12 9.60 -17.72
CA LYS G 209 -41.10 8.98 -16.82
C LYS G 209 -40.56 7.78 -16.05
N VAL G 210 -39.92 6.86 -16.78
CA VAL G 210 -39.44 5.58 -16.23
C VAL G 210 -38.12 5.72 -15.46
N PHE G 211 -37.28 6.67 -15.88
CA PHE G 211 -36.01 6.93 -15.21
C PHE G 211 -35.93 8.38 -14.76
N PRO G 212 -36.71 8.74 -13.73
CA PRO G 212 -36.73 10.14 -13.31
C PRO G 212 -35.41 10.57 -12.69
N THR G 213 -35.14 11.86 -12.79
CA THR G 213 -33.93 12.43 -12.21
C THR G 213 -34.12 12.53 -10.69
N LEU G 214 -33.33 11.74 -9.96
CA LEU G 214 -33.36 11.79 -8.50
C LEU G 214 -32.60 12.99 -7.99
N SER G 215 -32.99 13.49 -6.82
CA SER G 215 -32.25 14.52 -6.12
C SER G 215 -30.80 14.07 -5.88
N LEU G 216 -29.89 15.03 -5.75
CA LEU G 216 -28.48 14.73 -5.47
C LEU G 216 -28.32 13.97 -4.15
N GLY G 217 -29.08 14.37 -3.12
CA GLY G 217 -29.09 13.68 -1.81
C GLY G 217 -29.56 12.23 -1.90
N LEU G 218 -30.59 11.97 -2.70
CA LEU G 218 -31.12 10.62 -2.91
C LEU G 218 -30.16 9.80 -3.76
N ASP G 219 -29.64 10.42 -4.83
CA ASP G 219 -28.67 9.77 -5.69
C ASP G 219 -27.45 9.30 -4.90
N LYS G 220 -27.00 10.14 -3.98
CA LYS G 220 -25.83 9.84 -3.13
C LYS G 220 -26.08 8.63 -2.25
N GLU G 221 -27.30 8.54 -1.74
CA GLU G 221 -27.75 7.43 -0.91
C GLU G 221 -27.76 6.12 -1.73
N VAL G 222 -28.35 6.18 -2.92
CA VAL G 222 -28.36 5.04 -3.86
C VAL G 222 -26.93 4.56 -4.16
N ARG G 223 -26.02 5.52 -4.35
CA ARG G 223 -24.66 5.23 -4.78
C ARG G 223 -23.82 4.53 -3.69
N TYR G 224 -24.21 4.70 -2.41
CA TYR G 224 -23.62 3.90 -1.32
C TYR G 224 -23.70 2.38 -1.61
N ALA G 225 -24.77 1.96 -2.29
CA ALA G 225 -25.00 0.54 -2.62
C ALA G 225 -24.40 0.12 -3.95
N TYR G 226 -23.76 1.06 -4.64
CA TYR G 226 -23.26 0.80 -5.98
C TYR G 226 -21.84 0.24 -5.91
N ARG G 227 -21.69 -0.99 -6.37
CA ARG G 227 -20.42 -1.69 -6.38
C ARG G 227 -20.22 -2.32 -7.72
N GLY G 228 -19.04 -2.90 -7.94
CA GLY G 228 -18.67 -3.45 -9.24
C GLY G 228 -18.50 -4.96 -9.27
N GLY G 229 -17.46 -5.43 -9.95
CA GLY G 229 -17.28 -6.86 -10.24
C GLY G 229 -16.74 -7.68 -9.09
N PHE G 230 -17.15 -8.95 -9.06
CA PHE G 230 -16.61 -9.95 -8.13
C PHE G 230 -15.32 -10.51 -8.72
N THR G 231 -14.20 -10.08 -8.15
CA THR G 231 -12.86 -10.48 -8.60
C THR G 231 -12.19 -11.14 -7.40
N TRP G 232 -11.97 -12.46 -7.47
CA TRP G 232 -11.63 -13.24 -6.28
C TRP G 232 -10.77 -14.45 -6.60
N LEU G 233 -9.71 -14.62 -5.82
CA LEU G 233 -8.83 -15.77 -5.93
C LEU G 233 -9.00 -16.67 -4.71
N ASN G 234 -9.29 -17.94 -4.97
CA ASN G 234 -9.38 -18.93 -3.92
C ASN G 234 -8.01 -19.11 -3.24
N ASP G 235 -7.96 -18.88 -1.92
CA ASP G 235 -6.74 -19.09 -1.10
C ASP G 235 -6.08 -20.44 -1.32
N ARG G 236 -6.92 -21.45 -1.55
CA ARG G 236 -6.49 -22.82 -1.80
C ARG G 236 -5.54 -22.94 -3.00
N PHE G 237 -5.68 -22.03 -3.97
CA PHE G 237 -4.87 -22.03 -5.22
C PHE G 237 -3.94 -20.84 -5.36
N LYS G 238 -4.00 -19.90 -4.42
CA LYS G 238 -3.12 -18.74 -4.45
C LYS G 238 -1.65 -19.18 -4.56
N GLU G 239 -0.92 -18.53 -5.48
CA GLU G 239 0.52 -18.76 -5.71
C GLU G 239 0.98 -20.25 -5.75
N LYS G 240 0.12 -21.12 -6.29
CA LYS G 240 0.43 -22.54 -6.49
C LYS G 240 0.60 -22.80 -7.98
N GLU G 241 1.45 -23.76 -8.35
CA GLU G 241 1.49 -24.18 -9.75
C GLU G 241 0.35 -25.16 -9.98
N ILE G 242 -0.56 -24.77 -10.87
CA ILE G 242 -1.75 -25.53 -11.18
C ILE G 242 -1.53 -26.32 -12.47
N GLY G 243 -2.15 -27.49 -12.56
CA GLY G 243 -2.09 -28.31 -13.77
C GLY G 243 -3.19 -27.93 -14.74
N GLU G 244 -3.84 -28.92 -15.33
CA GLU G 244 -4.90 -28.69 -16.31
C GLU G 244 -6.11 -27.94 -15.70
N GLY G 245 -6.76 -27.14 -16.53
CA GLY G 245 -7.93 -26.39 -16.11
C GLY G 245 -8.61 -25.68 -17.26
N MET G 246 -9.66 -24.94 -16.96
CA MET G 246 -10.43 -24.23 -18.00
C MET G 246 -11.06 -22.95 -17.48
N VAL G 247 -11.42 -22.10 -18.43
CA VAL G 247 -12.04 -20.84 -18.14
C VAL G 247 -13.32 -20.74 -18.96
N PHE G 248 -14.39 -20.32 -18.27
CA PHE G 248 -15.67 -20.00 -18.90
C PHE G 248 -15.96 -18.54 -18.63
N ASP G 249 -16.51 -17.84 -19.61
CA ASP G 249 -16.75 -16.39 -19.51
C ASP G 249 -18.12 -16.08 -20.09
N VAL G 250 -18.96 -15.38 -19.32
CA VAL G 250 -20.30 -15.05 -19.81
C VAL G 250 -20.23 -14.11 -21.03
N ASN G 251 -21.02 -14.47 -22.06
CA ASN G 251 -21.24 -13.60 -23.21
C ASN G 251 -22.08 -12.40 -22.80
N SER G 252 -21.47 -11.22 -22.80
CA SER G 252 -22.15 -9.96 -22.42
C SER G 252 -22.91 -10.05 -21.09
N LEU G 253 -22.19 -10.21 -19.98
CA LEU G 253 -22.84 -10.47 -18.68
C LEU G 253 -23.79 -9.37 -18.20
N TYR G 254 -23.31 -8.12 -18.16
CA TYR G 254 -24.15 -7.05 -17.63
C TYR G 254 -25.39 -6.80 -18.53
N PRO G 255 -25.20 -6.72 -19.87
CA PRO G 255 -26.34 -6.66 -20.79
C PRO G 255 -27.33 -7.85 -20.68
N ALA G 256 -26.83 -9.03 -20.33
CA ALA G 256 -27.68 -10.20 -20.05
C ALA G 256 -28.55 -9.99 -18.80
N GLN G 257 -27.99 -9.35 -17.77
CA GLN G 257 -28.77 -8.99 -16.57
C GLN G 257 -29.83 -7.96 -16.93
N MET G 258 -29.42 -6.94 -17.69
CA MET G 258 -30.32 -5.91 -18.23
C MET G 258 -31.46 -6.50 -19.05
N TYR G 259 -31.17 -7.60 -19.75
CA TYR G 259 -32.14 -8.22 -20.63
C TYR G 259 -33.23 -9.01 -19.89
N SER G 260 -32.87 -9.61 -18.76
CA SER G 260 -33.75 -10.61 -18.16
C SER G 260 -33.99 -10.52 -16.65
N ARG G 261 -33.22 -9.69 -15.94
CA ARG G 261 -33.38 -9.60 -14.47
C ARG G 261 -34.36 -8.51 -14.04
N LEU G 262 -34.96 -8.71 -12.85
CA LEU G 262 -35.88 -7.72 -12.26
C LEU G 262 -35.10 -6.48 -11.87
N LEU G 263 -35.42 -5.36 -12.51
CA LEU G 263 -34.63 -4.13 -12.35
C LEU G 263 -35.51 -2.93 -12.01
N PRO G 264 -34.95 -1.95 -11.26
CA PRO G 264 -35.74 -0.82 -10.77
C PRO G 264 -36.05 0.25 -11.81
N TYR G 265 -37.14 0.95 -11.57
CA TYR G 265 -37.47 2.15 -12.34
C TYR G 265 -38.27 3.11 -11.45
N GLY G 266 -38.48 4.33 -11.92
CA GLY G 266 -39.31 5.32 -11.21
C GLY G 266 -38.69 5.86 -9.93
N GLU G 267 -39.51 6.59 -9.18
CA GLU G 267 -39.09 7.26 -7.95
C GLU G 267 -39.12 6.27 -6.75
N PRO G 268 -38.03 6.22 -5.95
CA PRO G 268 -38.03 5.31 -4.79
C PRO G 268 -38.87 5.83 -3.65
N ILE G 269 -39.29 4.92 -2.76
CA ILE G 269 -39.91 5.31 -1.50
C ILE G 269 -38.94 5.03 -0.34
N VAL G 270 -38.74 6.05 0.49
CA VAL G 270 -37.93 5.93 1.70
C VAL G 270 -38.70 5.22 2.80
N PHE G 271 -38.05 4.26 3.45
CA PHE G 271 -38.58 3.60 4.65
C PHE G 271 -37.55 3.63 5.78
N GLU G 272 -38.04 3.53 7.02
CA GLU G 272 -37.15 3.44 8.19
C GLU G 272 -37.14 2.00 8.69
N GLY G 273 -36.04 1.62 9.33
CA GLY G 273 -35.89 0.26 9.84
C GLY G 273 -35.78 -0.78 8.74
N LYS G 274 -36.31 -1.97 9.01
CA LYS G 274 -36.25 -3.10 8.10
C LYS G 274 -37.30 -2.98 6.96
N TYR G 275 -36.86 -3.24 5.74
CA TYR G 275 -37.77 -3.33 4.59
C TYR G 275 -38.90 -4.32 4.86
N VAL G 276 -40.12 -3.89 4.59
CA VAL G 276 -41.28 -4.74 4.67
C VAL G 276 -41.71 -5.06 3.24
N TRP G 277 -41.87 -6.36 2.95
CA TRP G 277 -42.20 -6.82 1.61
C TRP G 277 -43.36 -6.03 1.02
N ASP G 278 -43.14 -5.50 -0.17
CA ASP G 278 -44.13 -4.74 -0.92
C ASP G 278 -44.09 -5.25 -2.33
N GLU G 279 -45.10 -6.02 -2.73
CA GLU G 279 -45.10 -6.61 -4.09
C GLU G 279 -45.04 -5.57 -5.24
N ASP G 280 -45.47 -4.35 -4.96
CA ASP G 280 -45.40 -3.26 -5.95
C ASP G 280 -44.09 -2.49 -5.90
N TYR G 281 -43.37 -2.62 -4.78
CA TYR G 281 -41.99 -2.13 -4.66
C TYR G 281 -41.12 -3.29 -4.21
N PRO G 282 -40.86 -4.26 -5.14
CA PRO G 282 -40.24 -5.54 -4.77
C PRO G 282 -38.71 -5.51 -4.64
N LEU G 283 -38.08 -4.40 -5.05
CA LEU G 283 -36.62 -4.23 -4.93
C LEU G 283 -36.32 -3.21 -3.88
N HIS G 284 -35.16 -3.34 -3.22
CA HIS G 284 -34.77 -2.34 -2.23
C HIS G 284 -33.27 -2.29 -1.93
N ILE G 285 -32.86 -1.15 -1.42
CA ILE G 285 -31.54 -0.94 -0.83
C ILE G 285 -31.73 -0.75 0.66
N GLN G 286 -30.99 -1.54 1.44
CA GLN G 286 -31.09 -1.49 2.90
C GLN G 286 -29.79 -1.03 3.53
N HIS G 287 -29.90 -0.03 4.41
CA HIS G 287 -28.77 0.38 5.26
C HIS G 287 -28.80 -0.45 6.54
N ILE G 288 -27.72 -1.20 6.75
CA ILE G 288 -27.55 -1.99 7.97
C ILE G 288 -26.20 -1.73 8.64
N ARG G 289 -26.16 -2.01 9.94
CA ARG G 289 -24.92 -2.23 10.67
C ARG G 289 -24.99 -3.64 11.24
N CYS G 290 -23.92 -4.42 11.06
CA CYS G 290 -23.88 -5.80 11.55
C CYS G 290 -22.47 -6.29 11.81
N GLU G 291 -22.39 -7.49 12.38
CA GLU G 291 -21.16 -8.29 12.40
C GLU G 291 -21.46 -9.56 11.63
N PHE G 292 -20.43 -10.23 11.14
CA PHE G 292 -20.64 -11.44 10.32
C PHE G 292 -19.49 -12.44 10.41
N GLU G 293 -19.81 -13.70 10.12
CA GLU G 293 -18.84 -14.78 10.02
C GLU G 293 -19.21 -15.63 8.81
N LEU G 294 -18.22 -15.92 7.96
CA LEU G 294 -18.41 -16.79 6.78
C LEU G 294 -18.85 -18.19 7.18
N LYS G 295 -19.85 -18.73 6.48
CA LYS G 295 -20.28 -20.11 6.71
C LYS G 295 -19.27 -21.05 6.10
N GLU G 296 -19.01 -22.16 6.79
CA GLU G 296 -18.07 -23.18 6.29
C GLU G 296 -18.54 -23.66 4.90
N GLY G 297 -17.59 -23.73 3.96
CA GLY G 297 -17.87 -24.25 2.62
C GLY G 297 -18.45 -23.22 1.66
N TYR G 298 -18.57 -21.97 2.10
CA TYR G 298 -19.08 -20.91 1.23
C TYR G 298 -17.98 -19.97 0.80
N ILE G 299 -18.12 -19.43 -0.41
CA ILE G 299 -17.19 -18.42 -0.94
C ILE G 299 -17.48 -17.08 -0.25
N PRO G 300 -16.44 -16.35 0.19
CA PRO G 300 -16.70 -15.03 0.74
C PRO G 300 -17.19 -14.06 -0.36
N THR G 301 -18.11 -13.17 0.02
CA THR G 301 -18.75 -12.26 -0.94
C THR G 301 -18.68 -10.79 -0.52
N ILE G 302 -18.26 -10.52 0.71
CA ILE G 302 -18.25 -9.16 1.25
C ILE G 302 -16.86 -8.56 1.22
N GLN G 303 -16.73 -7.42 0.55
CA GLN G 303 -15.54 -6.60 0.67
C GLN G 303 -15.96 -5.18 1.04
N ILE G 304 -15.19 -4.53 1.92
CA ILE G 304 -15.60 -3.23 2.47
C ILE G 304 -14.57 -2.16 2.13
N LYS G 305 -15.00 -1.19 1.34
CA LYS G 305 -14.14 -0.11 0.89
C LYS G 305 -14.31 1.16 1.72
N ARG G 306 -13.29 2.01 1.68
CA ARG G 306 -13.31 3.32 2.37
C ARG G 306 -13.48 3.19 3.89
N SER G 307 -12.96 2.09 4.44
CA SER G 307 -12.96 1.85 5.86
C SER G 307 -11.55 1.74 6.37
N ARG G 308 -11.26 2.43 7.47
CA ARG G 308 -9.94 2.30 8.11
C ARG G 308 -9.67 0.92 8.76
N PHE G 309 -10.69 0.05 8.78
CA PHE G 309 -10.58 -1.25 9.44
C PHE G 309 -10.35 -2.42 8.50
N TYR G 310 -10.51 -2.19 7.19
CA TYR G 310 -10.47 -3.27 6.22
C TYR G 310 -9.66 -2.88 4.99
N LYS G 311 -8.93 -3.86 4.43
CA LYS G 311 -8.38 -3.77 3.06
C LYS G 311 -9.55 -3.78 2.08
N GLY G 312 -9.65 -2.77 1.24
CA GLY G 312 -10.81 -2.62 0.35
C GLY G 312 -11.01 -3.71 -0.69
N ASN G 313 -9.93 -4.37 -1.09
CA ASN G 313 -9.97 -5.42 -2.11
C ASN G 313 -10.16 -6.83 -1.53
N GLU G 314 -10.15 -6.93 -0.20
CA GLU G 314 -10.17 -8.23 0.47
C GLU G 314 -11.58 -8.73 0.75
N TYR G 315 -11.86 -9.94 0.28
CA TYR G 315 -13.11 -10.61 0.61
C TYR G 315 -13.02 -11.21 2.00
N LEU G 316 -13.93 -10.76 2.86
CA LEU G 316 -13.82 -10.95 4.29
C LEU G 316 -14.49 -12.24 4.82
N LYS G 317 -13.75 -12.95 5.66
CA LYS G 317 -14.26 -14.13 6.37
C LYS G 317 -15.08 -13.73 7.61
N SER G 318 -14.75 -12.55 8.14
CA SER G 318 -15.28 -12.09 9.41
C SER G 318 -15.23 -10.58 9.43
N SER G 319 -16.15 -9.97 10.19
CA SER G 319 -16.08 -8.54 10.47
C SER G 319 -14.94 -8.21 11.48
N GLY G 320 -14.37 -9.26 12.09
CA GLY G 320 -13.22 -9.16 13.01
C GLY G 320 -13.35 -8.22 14.20
N GLY G 321 -14.53 -8.18 14.82
CA GLY G 321 -14.73 -7.34 16.00
C GLY G 321 -15.07 -5.86 15.74
N GLU G 322 -15.13 -5.46 14.48
CA GLU G 322 -15.65 -4.14 14.13
C GLU G 322 -17.06 -4.28 13.52
N ILE G 323 -17.81 -3.18 13.54
CA ILE G 323 -19.19 -3.17 13.02
C ILE G 323 -19.19 -2.76 11.54
N ALA G 324 -19.68 -3.65 10.68
CA ALA G 324 -19.77 -3.34 9.26
C ALA G 324 -21.01 -2.50 9.01
N ASP G 325 -20.78 -1.33 8.40
CA ASP G 325 -21.83 -0.37 8.13
C ASP G 325 -22.04 -0.32 6.62
N LEU G 326 -23.14 -0.95 6.18
CA LEU G 326 -23.32 -1.29 4.76
C LEU G 326 -24.66 -0.83 4.19
N TRP G 327 -24.62 -0.34 2.95
CA TRP G 327 -25.82 -0.13 2.15
C TRP G 327 -25.85 -1.20 1.08
N LEU G 328 -26.87 -2.04 1.09
CA LEU G 328 -26.89 -3.22 0.22
C LEU G 328 -28.18 -3.32 -0.54
N SER G 329 -28.11 -3.67 -1.82
CA SER G 329 -29.31 -4.09 -2.57
C SER G 329 -29.88 -5.38 -1.94
N ASN G 330 -31.17 -5.68 -2.16
CA ASN G 330 -31.74 -6.95 -1.70
C ASN G 330 -31.05 -8.16 -2.29
N VAL G 331 -30.54 -8.03 -3.53
CA VAL G 331 -29.81 -9.12 -4.16
C VAL G 331 -28.55 -9.44 -3.35
N ASP G 332 -27.77 -8.40 -3.03
CA ASP G 332 -26.55 -8.56 -2.23
C ASP G 332 -26.82 -9.07 -0.83
N LEU G 333 -27.85 -8.53 -0.18
CA LEU G 333 -28.15 -8.90 1.20
C LEU G 333 -28.55 -10.37 1.31
N GLU G 334 -29.33 -10.84 0.34
CA GLU G 334 -29.75 -12.24 0.33
C GLU G 334 -28.56 -13.17 0.06
N LEU G 335 -27.69 -12.75 -0.85
CA LEU G 335 -26.45 -13.50 -1.10
C LEU G 335 -25.57 -13.54 0.18
N MET G 336 -25.53 -12.41 0.89
CA MET G 336 -24.82 -12.31 2.17
C MET G 336 -25.36 -13.28 3.23
N LYS G 337 -26.68 -13.37 3.32
CA LYS G 337 -27.34 -14.27 4.28
C LYS G 337 -27.10 -15.75 3.92
N GLU G 338 -27.02 -16.04 2.62
CA GLU G 338 -26.73 -17.39 2.14
C GLU G 338 -25.30 -17.83 2.51
N HIS G 339 -24.35 -16.90 2.38
CA HIS G 339 -22.91 -17.21 2.57
C HIS G 339 -22.39 -16.96 4.00
N TYR G 340 -23.07 -16.10 4.76
CA TYR G 340 -22.60 -15.70 6.08
C TYR G 340 -23.64 -15.92 7.18
N ASP G 341 -23.14 -16.21 8.37
CA ASP G 341 -23.91 -16.04 9.60
C ASP G 341 -23.83 -14.55 9.98
N LEU G 342 -24.99 -13.92 10.09
CA LEU G 342 -25.08 -12.50 10.47
C LEU G 342 -25.44 -12.37 11.95
N TYR G 343 -24.79 -11.43 12.64
CA TYR G 343 -25.02 -11.20 14.06
C TYR G 343 -25.35 -9.75 14.30
N ASN G 344 -26.17 -9.51 15.32
CA ASN G 344 -26.47 -8.15 15.78
C ASN G 344 -26.82 -7.21 14.65
N VAL G 345 -27.77 -7.63 13.80
CA VAL G 345 -28.10 -6.85 12.63
C VAL G 345 -29.02 -5.69 13.01
N GLU G 346 -28.56 -4.49 12.70
CA GLU G 346 -29.32 -3.29 12.92
C GLU G 346 -29.82 -2.82 11.56
N TYR G 347 -31.12 -2.97 11.33
CA TYR G 347 -31.77 -2.44 10.12
C TYR G 347 -32.12 -1.00 10.36
N ILE G 348 -31.49 -0.11 9.62
CA ILE G 348 -31.54 1.32 9.91
C ILE G 348 -32.63 2.00 9.07
N SER G 349 -32.52 1.88 7.75
CA SER G 349 -33.46 2.51 6.83
C SER G 349 -33.10 2.05 5.45
N GLY G 350 -33.85 2.53 4.46
CA GLY G 350 -33.51 2.25 3.09
C GLY G 350 -34.43 2.89 2.07
N LEU G 351 -34.34 2.36 0.85
CA LEU G 351 -35.12 2.82 -0.29
C LEU G 351 -35.69 1.62 -1.00
N LYS G 352 -36.97 1.67 -1.36
CA LYS G 352 -37.60 0.63 -2.15
C LYS G 352 -38.05 1.16 -3.50
N PHE G 353 -38.09 0.28 -4.50
CA PHE G 353 -38.32 0.66 -5.89
C PHE G 353 -39.36 -0.22 -6.55
N LYS G 354 -40.14 0.39 -7.45
CA LYS G 354 -40.86 -0.34 -8.47
C LYS G 354 -39.85 -1.07 -9.33
N ALA G 355 -40.28 -2.18 -9.93
CA ALA G 355 -39.36 -2.99 -10.72
C ALA G 355 -40.08 -3.72 -11.84
N THR G 356 -39.35 -4.00 -12.91
CA THR G 356 -39.88 -4.76 -14.03
C THR G 356 -38.69 -5.33 -14.82
N THR G 357 -38.98 -6.11 -15.85
CA THR G 357 -37.95 -6.62 -16.75
C THR G 357 -38.24 -6.13 -18.17
N GLY G 358 -37.26 -6.28 -19.06
CA GLY G 358 -37.46 -6.01 -20.50
C GLY G 358 -37.33 -4.57 -20.98
N LEU G 359 -36.90 -3.67 -20.10
CA LEU G 359 -36.80 -2.23 -20.44
C LEU G 359 -35.77 -1.90 -21.53
N PHE G 360 -34.83 -2.82 -21.77
CA PHE G 360 -33.74 -2.61 -22.73
C PHE G 360 -33.80 -3.57 -23.94
N LYS G 361 -34.91 -4.28 -24.09
CA LYS G 361 -35.00 -5.40 -25.07
C LYS G 361 -34.50 -5.07 -26.47
N ASP G 362 -35.16 -4.11 -27.13
CA ASP G 362 -34.87 -3.77 -28.53
C ASP G 362 -33.45 -3.28 -28.73
N PHE G 363 -32.96 -2.50 -27.78
CA PHE G 363 -31.59 -1.99 -27.84
C PHE G 363 -30.61 -3.14 -27.75
N ILE G 364 -30.86 -4.06 -26.81
CA ILE G 364 -29.95 -5.20 -26.61
C ILE G 364 -30.02 -6.18 -27.78
N ASP G 365 -31.23 -6.45 -28.28
CA ASP G 365 -31.42 -7.25 -29.51
C ASP G 365 -30.61 -6.71 -30.70
N LYS G 366 -30.64 -5.38 -30.90
CA LYS G 366 -29.93 -4.74 -32.01
C LYS G 366 -28.41 -4.97 -31.93
N TRP G 367 -27.83 -4.55 -30.82
CA TRP G 367 -26.37 -4.55 -30.66
C TRP G 367 -25.80 -5.95 -30.41
N THR G 368 -26.64 -6.84 -29.86
CA THR G 368 -26.28 -8.25 -29.73
C THR G 368 -26.16 -8.92 -31.10
N TYR G 369 -27.13 -8.67 -31.99
CA TYR G 369 -27.09 -9.21 -33.33
C TYR G 369 -25.82 -8.78 -34.05
N ILE G 370 -25.52 -7.48 -33.96
CA ILE G 370 -24.28 -6.93 -34.52
C ILE G 370 -23.06 -7.60 -33.85
N LYS G 371 -23.03 -7.64 -32.53
CA LYS G 371 -21.94 -8.33 -31.81
C LYS G 371 -21.73 -9.79 -32.25
N THR G 372 -22.83 -10.52 -32.43
CA THR G 372 -22.80 -11.95 -32.74
C THR G 372 -22.43 -12.25 -34.21
N THR G 373 -22.62 -11.26 -35.09
CA THR G 373 -22.40 -11.45 -36.52
C THR G 373 -21.18 -10.65 -37.04
N SER G 374 -20.39 -10.11 -36.12
CA SER G 374 -19.23 -9.29 -36.45
C SER G 374 -17.95 -9.87 -35.86
N GLU G 375 -16.82 -9.29 -36.26
CA GLU G 375 -15.54 -9.65 -35.69
C GLU G 375 -14.68 -8.41 -35.44
N GLY G 376 -13.60 -8.59 -34.69
CA GLY G 376 -12.63 -7.53 -34.44
C GLY G 376 -13.26 -6.27 -33.89
N ALA G 377 -12.82 -5.13 -34.43
CA ALA G 377 -13.23 -3.80 -33.96
C ALA G 377 -14.74 -3.59 -33.99
N ILE G 378 -15.39 -4.17 -35.00
CA ILE G 378 -16.83 -3.99 -35.20
C ILE G 378 -17.58 -4.72 -34.08
N LYS G 379 -17.17 -5.95 -33.79
CA LYS G 379 -17.70 -6.71 -32.67
C LYS G 379 -17.46 -5.97 -31.36
N GLN G 380 -16.22 -5.53 -31.15
CA GLN G 380 -15.83 -4.79 -29.96
C GLN G 380 -16.62 -3.49 -29.76
N LEU G 381 -16.98 -2.84 -30.88
CA LEU G 381 -17.78 -1.61 -30.80
C LEU G 381 -19.19 -1.92 -30.32
N ALA G 382 -19.78 -2.99 -30.87
CA ALA G 382 -21.14 -3.45 -30.46
C ALA G 382 -21.17 -3.80 -28.97
N LYS G 383 -20.13 -4.51 -28.52
CA LYS G 383 -19.92 -4.82 -27.10
C LYS G 383 -19.89 -3.53 -26.25
N LEU G 384 -19.17 -2.52 -26.74
CA LEU G 384 -19.07 -1.25 -26.05
C LEU G 384 -20.41 -0.50 -26.00
N MET G 385 -21.20 -0.55 -27.07
CA MET G 385 -22.51 0.08 -27.05
C MET G 385 -23.34 -0.53 -25.89
N LEU G 386 -23.32 -1.85 -25.79
CA LEU G 386 -24.05 -2.58 -24.73
C LEU G 386 -23.56 -2.23 -23.32
N ASN G 387 -22.24 -2.24 -23.13
CA ASN G 387 -21.65 -1.99 -21.82
C ASN G 387 -21.68 -0.53 -21.37
N SER G 388 -21.54 0.40 -22.32
CA SER G 388 -21.53 1.84 -22.01
C SER G 388 -22.92 2.37 -21.68
N LEU G 389 -23.96 1.67 -22.13
CA LEU G 389 -25.34 2.03 -21.72
C LEU G 389 -25.47 1.81 -20.22
N TYR G 390 -25.04 0.64 -19.74
CA TYR G 390 -24.99 0.39 -18.31
C TYR G 390 -24.23 1.53 -17.61
N GLY G 391 -23.03 1.82 -18.09
CA GLY G 391 -22.18 2.85 -17.50
C GLY G 391 -22.84 4.20 -17.43
N LYS G 392 -23.55 4.55 -18.51
CA LYS G 392 -24.20 5.85 -18.62
C LYS G 392 -25.29 6.04 -17.57
N PHE G 393 -26.05 4.98 -17.29
CA PHE G 393 -27.07 4.99 -16.24
C PHE G 393 -26.46 5.26 -14.86
N ALA G 394 -25.23 4.80 -14.63
CA ALA G 394 -24.54 5.01 -13.38
C ALA G 394 -23.54 6.17 -13.44
N SER G 395 -23.69 7.06 -14.45
CA SER G 395 -22.78 8.21 -14.62
C SER G 395 -22.75 9.05 -13.36
N ASN G 396 -21.55 9.31 -12.84
CA ASN G 396 -21.39 10.13 -11.66
C ASN G 396 -21.79 11.57 -11.97
N PRO G 397 -22.63 12.19 -11.09
CA PRO G 397 -23.02 13.60 -11.20
C PRO G 397 -21.85 14.59 -11.12
N ASP G 398 -20.80 14.22 -10.39
CA ASP G 398 -19.60 15.04 -10.27
C ASP G 398 -18.84 15.07 -11.60
N VAL G 399 -18.91 16.21 -12.29
CA VAL G 399 -18.18 16.41 -13.55
C VAL G 399 -17.07 17.46 -13.40
N THR G 400 -16.57 17.61 -12.18
CA THR G 400 -15.40 18.43 -11.91
C THR G 400 -14.23 17.87 -12.71
N GLY G 401 -13.48 18.76 -13.35
CA GLY G 401 -12.37 18.34 -14.21
C GLY G 401 -11.06 19.04 -13.91
N LYS G 402 -10.08 18.76 -14.76
CA LYS G 402 -8.75 19.34 -14.63
C LYS G 402 -8.58 20.54 -15.52
N VAL G 403 -7.92 21.56 -14.97
CA VAL G 403 -7.67 22.82 -15.67
C VAL G 403 -6.17 22.95 -15.97
N PRO G 404 -5.80 22.98 -17.26
CA PRO G 404 -4.40 23.07 -17.64
C PRO G 404 -3.83 24.44 -17.41
N TYR G 405 -2.52 24.50 -17.24
CA TYR G 405 -1.81 25.75 -17.12
C TYR G 405 -0.35 25.52 -17.50
N LEU G 406 0.32 26.59 -17.90
CA LEU G 406 1.72 26.52 -18.30
C LEU G 406 2.55 26.87 -17.10
N LYS G 407 3.33 25.95 -16.58
CA LYS G 407 4.16 26.29 -15.43
C LYS G 407 5.51 26.92 -15.83
N GLU G 408 6.26 27.34 -14.82
CA GLU G 408 7.48 28.14 -14.98
C GLU G 408 8.51 27.46 -15.87
N ASN G 409 8.64 26.14 -15.74
CA ASN G 409 9.59 25.37 -16.54
C ASN G 409 9.14 25.16 -18.00
N GLY G 410 7.97 25.68 -18.35
CA GLY G 410 7.46 25.59 -19.72
C GLY G 410 6.69 24.32 -20.06
N ALA G 411 6.52 23.41 -19.07
CA ALA G 411 5.66 22.22 -19.26
C ALA G 411 4.23 22.49 -18.78
N LEU G 412 3.28 21.78 -19.35
CA LEU G 412 1.89 21.83 -18.88
C LEU G 412 1.75 21.23 -17.49
N GLY G 413 1.00 21.92 -16.64
CA GLY G 413 0.55 21.39 -15.37
C GLY G 413 -0.97 21.37 -15.37
N PHE G 414 -1.54 20.76 -14.35
CA PHE G 414 -3.00 20.71 -14.19
C PHE G 414 -3.38 21.00 -12.76
N ARG G 415 -4.55 21.60 -12.59
CA ARG G 415 -5.11 21.83 -11.27
C ARG G 415 -6.55 21.36 -11.31
N LEU G 416 -7.05 20.90 -10.16
CA LEU G 416 -8.45 20.50 -10.08
C LEU G 416 -9.30 21.74 -10.24
N GLY G 417 -10.25 21.68 -11.17
CA GLY G 417 -11.14 22.83 -11.43
C GLY G 417 -12.13 23.06 -10.30
N GLU G 418 -13.02 24.03 -10.52
CA GLU G 418 -14.09 24.28 -9.57
C GLU G 418 -15.09 23.12 -9.60
N GLU G 419 -15.72 22.86 -8.47
CA GLU G 419 -16.70 21.79 -8.41
C GLU G 419 -17.83 22.02 -9.41
N GLU G 420 -18.05 21.03 -10.27
CA GLU G 420 -19.19 21.03 -11.18
C GLU G 420 -19.96 19.77 -10.96
N THR G 421 -21.29 19.87 -11.02
CA THR G 421 -22.16 18.72 -10.95
C THR G 421 -23.21 18.77 -12.05
N LYS G 422 -23.59 17.61 -12.56
CA LYS G 422 -24.71 17.51 -13.50
C LYS G 422 -25.78 16.56 -12.93
N ASP G 423 -26.91 16.48 -13.61
CA ASP G 423 -28.00 15.60 -13.18
C ASP G 423 -27.58 14.14 -13.17
N PRO G 424 -28.03 13.38 -12.14
CA PRO G 424 -27.95 11.92 -12.22
C PRO G 424 -28.74 11.39 -13.42
N VAL G 425 -28.28 10.30 -14.02
CA VAL G 425 -29.05 9.61 -15.05
C VAL G 425 -30.05 8.71 -14.30
N TYR G 426 -29.66 7.47 -13.97
CA TYR G 426 -30.52 6.63 -13.11
C TYR G 426 -29.69 5.56 -12.40
N THR G 427 -29.11 5.97 -11.28
CA THR G 427 -28.13 5.18 -10.56
C THR G 427 -28.67 3.84 -9.99
N PRO G 428 -29.96 3.78 -9.56
CA PRO G 428 -30.47 2.45 -9.11
C PRO G 428 -30.30 1.33 -10.13
N MET G 429 -30.41 1.65 -11.43
CA MET G 429 -30.17 0.67 -12.47
C MET G 429 -28.73 0.13 -12.41
N GLY G 430 -27.78 1.02 -12.17
CA GLY G 430 -26.38 0.64 -12.01
C GLY G 430 -26.17 -0.28 -10.82
N VAL G 431 -26.78 0.08 -9.69
CA VAL G 431 -26.75 -0.71 -8.46
C VAL G 431 -27.19 -2.16 -8.71
N PHE G 432 -28.34 -2.33 -9.37
CA PHE G 432 -28.93 -3.67 -9.50
C PHE G 432 -28.39 -4.46 -10.68
N ILE G 433 -27.88 -3.78 -11.70
CA ILE G 433 -27.23 -4.48 -12.83
C ILE G 433 -26.02 -5.24 -12.30
N THR G 434 -25.19 -4.55 -11.51
CA THR G 434 -23.97 -5.15 -10.94
C THR G 434 -24.25 -6.17 -9.86
N ALA G 435 -25.28 -5.92 -9.04
CA ALA G 435 -25.71 -6.87 -8.00
C ALA G 435 -26.14 -8.22 -8.59
N TRP G 436 -26.91 -8.17 -9.67
CA TRP G 436 -27.38 -9.38 -10.38
C TRP G 436 -26.21 -10.09 -11.11
N ALA G 437 -25.28 -9.31 -11.63
CA ALA G 437 -24.07 -9.85 -12.25
C ALA G 437 -23.23 -10.60 -11.22
N ARG G 438 -23.04 -9.98 -10.04
CA ARG G 438 -22.33 -10.62 -8.93
C ARG G 438 -23.03 -11.90 -8.51
N TYR G 439 -24.37 -11.83 -8.42
CA TYR G 439 -25.18 -12.99 -8.09
C TYR G 439 -24.94 -14.14 -9.08
N THR G 440 -25.06 -13.83 -10.37
CA THR G 440 -24.87 -14.81 -11.45
C THR G 440 -23.50 -15.51 -11.33
N THR G 441 -22.44 -14.72 -11.24
CA THR G 441 -21.09 -15.27 -11.22
C THR G 441 -20.80 -16.05 -9.93
N ILE G 442 -21.21 -15.50 -8.79
CA ILE G 442 -20.95 -16.12 -7.48
C ILE G 442 -21.76 -17.43 -7.30
N THR G 443 -22.99 -17.45 -7.82
CA THR G 443 -23.83 -18.66 -7.74
C THR G 443 -23.18 -19.81 -8.51
N ALA G 444 -22.63 -19.50 -9.69
CA ALA G 444 -21.92 -20.48 -10.54
C ALA G 444 -20.61 -20.96 -9.89
N ALA G 445 -19.82 -20.00 -9.41
CA ALA G 445 -18.59 -20.30 -8.68
C ALA G 445 -18.85 -21.22 -7.47
N GLN G 446 -19.90 -20.90 -6.70
CA GLN G 446 -20.26 -21.64 -5.50
C GLN G 446 -20.67 -23.07 -5.83
N ALA G 447 -21.38 -23.25 -6.95
CA ALA G 447 -21.78 -24.59 -7.40
C ALA G 447 -20.57 -25.41 -7.88
N CYS G 448 -19.49 -24.70 -8.25
CA CYS G 448 -18.21 -25.32 -8.65
C CYS G 448 -17.15 -25.22 -7.54
N TYR G 449 -17.60 -25.19 -6.28
CA TYR G 449 -16.73 -24.91 -5.12
C TYR G 449 -15.50 -25.81 -5.05
N ASP G 450 -15.67 -27.08 -5.39
CA ASP G 450 -14.58 -28.06 -5.35
C ASP G 450 -13.47 -27.79 -6.37
N ARG G 451 -13.80 -27.05 -7.43
CA ARG G 451 -12.89 -26.84 -8.55
C ARG G 451 -12.55 -25.37 -8.80
N ILE G 452 -13.24 -24.46 -8.14
CA ILE G 452 -13.09 -23.03 -8.43
C ILE G 452 -11.73 -22.47 -7.96
N ILE G 453 -11.01 -21.88 -8.91
CA ILE G 453 -9.73 -21.24 -8.66
C ILE G 453 -9.93 -19.73 -8.50
N TYR G 454 -10.62 -19.13 -9.47
CA TYR G 454 -10.62 -17.69 -9.64
C TYR G 454 -11.84 -17.18 -10.42
N CYS G 455 -12.31 -15.99 -10.04
CA CYS G 455 -13.35 -15.25 -10.77
C CYS G 455 -12.89 -13.81 -11.04
N ASP G 456 -13.19 -13.29 -12.22
CA ASP G 456 -13.16 -11.83 -12.42
C ASP G 456 -14.41 -11.37 -13.14
N THR G 457 -15.39 -10.96 -12.34
CA THR G 457 -16.61 -10.29 -12.82
C THR G 457 -17.64 -11.25 -13.42
N ASP G 458 -17.21 -11.99 -14.44
CA ASP G 458 -18.13 -12.85 -15.22
C ASP G 458 -17.43 -14.11 -15.72
N SER G 459 -16.37 -14.53 -15.03
CA SER G 459 -15.63 -15.70 -15.42
C SER G 459 -15.48 -16.66 -14.25
N ILE G 460 -15.39 -17.94 -14.57
CA ILE G 460 -14.98 -18.96 -13.62
C ILE G 460 -13.75 -19.71 -14.16
N HIS G 461 -12.70 -19.76 -13.34
CA HIS G 461 -11.49 -20.50 -13.66
C HIS G 461 -11.52 -21.76 -12.81
N LEU G 462 -11.51 -22.91 -13.46
CA LEU G 462 -11.68 -24.21 -12.80
C LEU G 462 -10.49 -25.14 -13.02
N THR G 463 -10.18 -25.94 -12.00
CA THR G 463 -9.28 -27.10 -12.17
C THR G 463 -10.01 -28.17 -12.98
N GLY G 464 -9.25 -29.02 -13.68
CA GLY G 464 -9.84 -30.09 -14.49
C GLY G 464 -10.41 -29.58 -15.80
N THR G 465 -10.69 -30.50 -16.72
CA THR G 465 -11.08 -30.16 -18.10
C THR G 465 -12.51 -30.57 -18.50
N GLU G 466 -13.28 -31.09 -17.55
CA GLU G 466 -14.68 -31.46 -17.84
C GLU G 466 -15.62 -30.32 -17.49
N ILE G 467 -16.64 -30.13 -18.31
CA ILE G 467 -17.63 -29.08 -18.11
C ILE G 467 -18.48 -29.40 -16.87
N PRO G 468 -18.59 -28.45 -15.92
CA PRO G 468 -19.47 -28.68 -14.78
C PRO G 468 -20.96 -28.73 -15.18
N ASP G 469 -21.77 -29.47 -14.42
CA ASP G 469 -23.20 -29.63 -14.74
C ASP G 469 -24.02 -28.36 -14.51
N VAL G 470 -23.56 -27.49 -13.62
CA VAL G 470 -24.26 -26.23 -13.35
C VAL G 470 -24.42 -25.34 -14.59
N ILE G 471 -23.46 -25.42 -15.52
CA ILE G 471 -23.50 -24.62 -16.76
C ILE G 471 -23.51 -25.44 -18.06
N LYS G 472 -23.52 -26.78 -17.95
CA LYS G 472 -23.35 -27.66 -19.14
C LYS G 472 -24.39 -27.46 -20.25
N ASP G 473 -25.59 -27.01 -19.89
CA ASP G 473 -26.66 -26.74 -20.86
C ASP G 473 -26.69 -25.30 -21.36
N ILE G 474 -25.81 -24.47 -20.82
CA ILE G 474 -25.73 -23.04 -21.20
C ILE G 474 -24.30 -22.62 -21.59
N VAL G 475 -23.60 -23.53 -22.26
CA VAL G 475 -22.29 -23.23 -22.83
C VAL G 475 -22.47 -22.90 -24.32
N ASP G 476 -22.03 -21.71 -24.72
CA ASP G 476 -22.13 -21.25 -26.11
C ASP G 476 -21.14 -20.12 -26.34
N PRO G 477 -20.43 -20.12 -27.50
CA PRO G 477 -19.42 -19.08 -27.74
C PRO G 477 -19.94 -17.64 -27.97
N LYS G 478 -21.23 -17.46 -28.27
CA LYS G 478 -21.78 -16.14 -28.69
C LYS G 478 -23.05 -15.70 -27.97
N LYS G 479 -23.96 -16.64 -27.74
CA LYS G 479 -25.31 -16.32 -27.24
C LYS G 479 -25.33 -15.53 -25.95
N LEU G 480 -26.15 -14.50 -25.92
CA LEU G 480 -26.27 -13.61 -24.76
C LEU G 480 -26.57 -14.37 -23.46
N GLY G 481 -25.71 -14.17 -22.47
CA GLY G 481 -25.92 -14.74 -21.13
C GLY G 481 -25.44 -16.18 -20.98
N TYR G 482 -25.05 -16.83 -22.07
CA TYR G 482 -24.47 -18.17 -22.01
C TYR G 482 -23.01 -18.05 -21.60
N TRP G 483 -22.41 -19.15 -21.15
CA TRP G 483 -20.99 -19.20 -20.78
C TRP G 483 -20.17 -19.66 -21.97
N ALA G 484 -19.24 -18.83 -22.42
CA ALA G 484 -18.32 -19.23 -23.48
C ALA G 484 -17.21 -20.02 -22.86
N HIS G 485 -16.89 -21.17 -23.46
CA HIS G 485 -15.70 -21.90 -23.08
C HIS G 485 -14.55 -21.10 -23.65
N GLU G 486 -13.93 -20.30 -22.79
CA GLU G 486 -12.92 -19.36 -23.24
C GLU G 486 -11.61 -20.06 -23.58
N SER G 487 -11.19 -20.97 -22.70
CA SER G 487 -9.95 -21.71 -22.92
C SER G 487 -9.82 -22.93 -22.04
N THR G 488 -8.91 -23.80 -22.45
CA THR G 488 -8.42 -24.88 -21.62
C THR G 488 -6.90 -24.72 -21.53
N PHE G 489 -6.36 -24.84 -20.32
CA PHE G 489 -4.91 -24.65 -20.10
C PHE G 489 -4.23 -25.90 -19.56
N LYS G 490 -2.94 -26.03 -19.89
CA LYS G 490 -2.12 -27.16 -19.46
C LYS G 490 -1.58 -26.91 -18.06
N ARG G 491 -1.23 -25.66 -17.78
CA ARG G 491 -0.83 -25.22 -16.45
C ARG G 491 -1.12 -23.73 -16.26
N ALA G 492 -1.16 -23.31 -15.00
CA ALA G 492 -1.45 -21.93 -14.64
C ALA G 492 -0.83 -21.57 -13.30
N LYS G 493 -0.78 -20.26 -13.02
CA LYS G 493 -0.33 -19.75 -11.73
C LYS G 493 -1.01 -18.41 -11.45
N TYR G 494 -1.64 -18.32 -10.28
CA TYR G 494 -2.43 -17.16 -9.88
C TYR G 494 -1.79 -16.57 -8.64
N LEU G 495 -1.24 -15.35 -8.76
CA LEU G 495 -0.55 -14.71 -7.64
C LEU G 495 -1.51 -13.95 -6.71
N ARG G 496 -2.49 -13.28 -7.33
CA ARG G 496 -3.42 -12.36 -6.63
C ARG G 496 -4.47 -11.92 -7.64
N GLN G 497 -5.35 -11.01 -7.24
CA GLN G 497 -6.39 -10.51 -8.14
C GLN G 497 -5.80 -9.86 -9.40
N LYS G 498 -6.35 -10.24 -10.55
CA LYS G 498 -5.98 -9.72 -11.88
C LYS G 498 -4.51 -9.92 -12.23
N THR G 499 -3.92 -10.99 -11.68
CA THR G 499 -2.49 -11.26 -11.82
C THR G 499 -2.31 -12.77 -11.93
N TYR G 500 -2.25 -13.27 -13.17
CA TYR G 500 -2.10 -14.71 -13.39
C TYR G 500 -1.55 -15.04 -14.76
N ILE G 501 -0.97 -16.23 -14.88
CA ILE G 501 -0.45 -16.72 -16.15
C ILE G 501 -1.02 -18.11 -16.45
N GLN G 502 -1.14 -18.41 -17.75
CA GLN G 502 -1.66 -19.67 -18.22
C GLN G 502 -0.93 -20.12 -19.48
N ASP G 503 -0.70 -21.42 -19.58
CA ASP G 503 -0.25 -22.07 -20.82
C ASP G 503 -1.47 -22.69 -21.47
N ILE G 504 -1.98 -22.06 -22.52
CA ILE G 504 -3.27 -22.44 -23.13
C ILE G 504 -3.09 -23.39 -24.33
N TYR G 505 -3.91 -24.45 -24.37
CA TYR G 505 -3.92 -25.38 -25.50
C TYR G 505 -4.47 -24.68 -26.73
N MET G 506 -3.73 -24.75 -27.84
CA MET G 506 -4.16 -24.12 -29.10
C MET G 506 -4.09 -25.10 -30.27
N LYS G 507 -4.90 -24.82 -31.29
CA LYS G 507 -4.87 -25.60 -32.54
C LYS G 507 -4.86 -24.67 -33.74
N GLU G 508 -4.07 -25.01 -34.76
CA GLU G 508 -3.99 -24.20 -35.97
C GLU G 508 -5.01 -24.69 -36.99
N VAL G 509 -5.91 -23.79 -37.39
CA VAL G 509 -6.86 -24.05 -38.50
C VAL G 509 -7.25 -22.73 -39.18
N VAL G 514 -6.45 -20.96 -33.12
CA VAL G 514 -7.72 -21.06 -32.41
C VAL G 514 -7.62 -21.87 -31.11
N GLU G 515 -8.69 -21.81 -30.30
CA GLU G 515 -8.75 -22.51 -29.01
C GLU G 515 -8.67 -24.03 -29.19
N GLY G 516 -7.79 -24.67 -28.40
CA GLY G 516 -7.57 -26.10 -28.47
C GLY G 516 -7.99 -26.86 -27.23
N SER G 517 -7.62 -28.14 -27.19
CA SER G 517 -8.04 -29.07 -26.15
C SER G 517 -6.91 -30.07 -25.85
N PRO G 518 -6.87 -30.64 -24.63
CA PRO G 518 -5.80 -31.58 -24.25
C PRO G 518 -5.60 -32.78 -25.19
N ASP G 519 -6.67 -33.21 -25.86
CA ASP G 519 -6.55 -34.27 -26.87
C ASP G 519 -6.08 -33.68 -28.22
N ASP G 520 -6.82 -32.71 -28.76
CA ASP G 520 -6.45 -32.10 -30.06
C ASP G 520 -5.87 -30.67 -29.91
N TYR G 521 -4.54 -30.59 -29.93
CA TYR G 521 -3.85 -29.30 -29.91
C TYR G 521 -2.51 -29.40 -30.66
N THR G 522 -2.14 -28.30 -31.32
CA THR G 522 -0.87 -28.22 -32.06
C THR G 522 0.13 -27.26 -31.41
N ASP G 523 -0.37 -26.28 -30.67
CA ASP G 523 0.47 -25.25 -30.03
C ASP G 523 0.08 -24.98 -28.57
N ILE G 524 1.05 -24.51 -27.79
CA ILE G 524 0.82 -24.04 -26.42
C ILE G 524 1.12 -22.55 -26.35
N LYS G 525 0.09 -21.77 -26.03
CA LYS G 525 0.16 -20.30 -26.03
C LYS G 525 0.27 -19.73 -24.62
N PHE G 526 1.40 -19.07 -24.33
CA PHE G 526 1.63 -18.46 -23.02
C PHE G 526 0.90 -17.12 -22.92
N SER G 527 0.01 -17.02 -21.94
CA SER G 527 -0.83 -15.84 -21.75
C SER G 527 -0.62 -15.22 -20.38
N VAL G 528 -0.34 -13.92 -20.36
CA VAL G 528 -0.14 -13.17 -19.11
C VAL G 528 -1.25 -12.15 -18.88
N LYS G 529 -1.86 -12.22 -17.69
CA LYS G 529 -2.86 -11.27 -17.25
C LYS G 529 -2.38 -10.59 -15.99
N CYS G 530 -2.19 -9.28 -16.04
CA CYS G 530 -1.60 -8.57 -14.92
C CYS G 530 -1.94 -7.09 -15.01
N ALA G 531 -2.98 -6.70 -14.25
CA ALA G 531 -3.40 -5.30 -14.18
C ALA G 531 -2.20 -4.38 -13.90
N GLY G 532 -1.98 -3.42 -14.80
CA GLY G 532 -0.88 -2.45 -14.65
C GLY G 532 0.29 -2.72 -15.56
N MET G 533 0.48 -3.99 -15.91
CA MET G 533 1.64 -4.43 -16.68
C MET G 533 1.42 -4.25 -18.18
N THR G 534 2.33 -3.49 -18.77
CA THR G 534 2.25 -3.08 -20.17
C THR G 534 2.95 -4.11 -21.05
N ASP G 535 2.66 -4.07 -22.36
CA ASP G 535 2.98 -5.15 -23.30
C ASP G 535 4.46 -5.61 -23.37
N LYS G 536 5.41 -4.67 -23.42
CA LYS G 536 6.83 -5.04 -23.45
C LYS G 536 7.25 -5.82 -22.17
N ILE G 537 6.71 -5.41 -21.01
CA ILE G 537 7.01 -6.10 -19.76
C ILE G 537 6.36 -7.52 -19.73
N LYS G 538 5.20 -7.66 -20.34
CA LYS G 538 4.60 -8.99 -20.46
C LYS G 538 5.49 -9.97 -21.25
N LYS G 539 6.18 -9.47 -22.28
CA LYS G 539 7.12 -10.29 -23.09
C LYS G 539 8.34 -10.79 -22.30
N GLU G 540 8.60 -10.18 -21.15
CA GLU G 540 9.67 -10.58 -20.23
C GLU G 540 9.27 -11.73 -19.29
N VAL G 541 7.97 -11.98 -19.16
CA VAL G 541 7.46 -12.85 -18.14
C VAL G 541 7.63 -14.29 -18.56
N THR G 542 8.01 -15.13 -17.61
CA THR G 542 8.01 -16.58 -17.76
C THR G 542 7.35 -17.19 -16.53
N PHE G 543 7.06 -18.49 -16.60
CA PHE G 543 6.51 -19.23 -15.45
C PHE G 543 7.44 -19.15 -14.24
N GLU G 544 8.73 -19.20 -14.53
CA GLU G 544 9.78 -19.14 -13.53
C GLU G 544 9.86 -17.76 -12.84
N ASN G 545 9.81 -16.68 -13.60
CA ASN G 545 10.02 -15.34 -13.00
C ASN G 545 8.72 -14.63 -12.52
N PHE G 546 7.57 -15.18 -12.89
CA PHE G 546 6.26 -14.57 -12.53
C PHE G 546 6.00 -14.79 -11.04
N LYS G 547 6.35 -13.79 -10.25
CA LYS G 547 6.34 -13.91 -8.80
C LYS G 547 6.42 -12.54 -8.18
N VAL G 548 5.95 -12.42 -6.94
CA VAL G 548 6.09 -11.18 -6.19
C VAL G 548 7.58 -10.81 -6.14
N GLY G 549 7.89 -9.56 -6.46
CA GLY G 549 9.28 -9.07 -6.51
C GLY G 549 9.79 -8.88 -7.94
N PHE G 550 9.07 -9.44 -8.92
CA PHE G 550 9.37 -9.21 -10.33
C PHE G 550 9.29 -7.72 -10.65
N SER G 551 10.30 -7.17 -11.36
CA SER G 551 10.34 -5.73 -11.72
C SER G 551 11.11 -5.49 -13.00
N ARG G 552 10.58 -4.62 -13.86
CA ARG G 552 11.21 -4.24 -15.12
C ARG G 552 11.03 -2.75 -15.33
N LYS G 553 12.12 -2.04 -15.66
CA LYS G 553 12.05 -0.60 -16.00
C LYS G 553 11.79 -0.42 -17.51
N MET G 554 10.60 -0.81 -17.92
CA MET G 554 10.27 -0.88 -19.34
C MET G 554 8.82 -0.49 -19.58
N LYS G 555 8.22 0.21 -18.62
CA LYS G 555 6.82 0.63 -18.72
C LYS G 555 6.79 2.07 -19.23
N PRO G 556 6.21 2.28 -20.44
CA PRO G 556 6.15 3.65 -20.96
C PRO G 556 5.27 4.53 -20.07
N LYS G 557 5.77 5.73 -19.76
CA LYS G 557 5.09 6.71 -18.90
CA LYS G 557 5.09 6.70 -18.91
C LYS G 557 5.03 8.03 -19.64
N PRO G 558 3.81 8.56 -19.90
CA PRO G 558 3.76 9.86 -20.59
C PRO G 558 4.09 11.00 -19.63
N VAL G 559 5.04 11.86 -20.03
CA VAL G 559 5.49 12.95 -19.16
C VAL G 559 5.33 14.29 -19.89
N GLN G 560 4.71 15.28 -19.23
CA GLN G 560 4.66 16.64 -19.72
C GLN G 560 6.03 17.28 -19.60
N VAL G 561 6.53 17.74 -20.73
CA VAL G 561 7.80 18.46 -20.83
C VAL G 561 7.50 19.72 -21.64
N PRO G 562 8.45 20.69 -21.67
CA PRO G 562 8.23 21.86 -22.52
C PRO G 562 7.92 21.50 -23.97
N GLY G 563 6.81 22.01 -24.48
CA GLY G 563 6.39 21.76 -25.86
C GLY G 563 5.30 20.69 -26.01
N GLY G 564 5.26 19.73 -25.09
CA GLY G 564 4.24 18.67 -25.18
C GLY G 564 4.51 17.48 -24.29
N VAL G 565 4.29 16.28 -24.83
CA VAL G 565 4.35 15.01 -24.07
CA VAL G 565 4.42 15.06 -24.04
C VAL G 565 5.36 14.06 -24.72
N VAL G 566 6.15 13.39 -23.90
CA VAL G 566 7.02 12.32 -24.36
C VAL G 566 6.80 11.09 -23.48
N LEU G 567 7.17 9.93 -24.01
CA LEU G 567 7.18 8.69 -23.24
C LEU G 567 8.58 8.47 -22.67
N VAL G 568 8.65 8.20 -21.37
CA VAL G 568 9.90 7.79 -20.70
C VAL G 568 9.61 6.44 -20.03
N ASP G 569 10.65 5.68 -19.73
CA ASP G 569 10.47 4.34 -19.10
C ASP G 569 10.44 4.42 -17.58
N ASP G 570 9.39 3.84 -17.03
CA ASP G 570 9.10 3.76 -15.60
C ASP G 570 9.22 2.26 -15.23
N THR G 571 9.17 1.94 -13.94
CA THR G 571 9.12 0.55 -13.50
C THR G 571 7.67 0.06 -13.32
N PHE G 572 7.51 -1.26 -13.46
CA PHE G 572 6.36 -2.00 -12.92
C PHE G 572 6.93 -3.16 -12.09
N THR G 573 6.55 -3.20 -10.84
CA THR G 573 7.01 -4.18 -9.88
C THR G 573 5.79 -4.87 -9.29
N ILE G 574 5.81 -6.20 -9.29
CA ILE G 574 4.79 -6.96 -8.58
C ILE G 574 5.10 -6.86 -7.08
N LYS G 575 4.42 -5.94 -6.43
CA LYS G 575 4.66 -5.66 -5.02
C LYS G 575 3.85 -6.60 -4.14
N HIS H 3 23.44 12.25 -12.02
CA HIS H 3 24.55 11.25 -11.82
C HIS H 3 24.01 9.83 -11.82
N MET H 4 24.94 8.89 -11.78
CA MET H 4 24.59 7.48 -11.75
C MET H 4 24.07 7.10 -10.35
N PRO H 5 22.94 6.40 -10.32
CA PRO H 5 22.50 5.80 -9.06
C PRO H 5 23.45 4.68 -8.63
N ARG H 6 23.61 4.52 -7.32
CA ARG H 6 24.40 3.45 -6.77
C ARG H 6 23.68 2.13 -6.94
N LYS H 7 24.43 1.09 -7.29
CA LYS H 7 23.87 -0.24 -7.38
C LYS H 7 23.67 -0.82 -5.99
N MET H 8 22.84 -1.85 -5.90
CA MET H 8 22.46 -2.43 -4.62
C MET H 8 22.30 -3.94 -4.74
N TYR H 9 22.93 -4.66 -3.80
CA TYR H 9 23.02 -6.12 -3.84
C TYR H 9 22.62 -6.75 -2.53
N SER H 10 21.97 -7.91 -2.62
CA SER H 10 21.66 -8.74 -1.48
C SER H 10 22.74 -9.84 -1.40
N CYS H 11 23.38 -9.96 -0.24
CA CYS H 11 24.49 -10.90 -0.05
C CYS H 11 24.28 -11.81 1.14
N ALA H 12 24.99 -12.93 1.14
CA ALA H 12 24.99 -13.86 2.26
C ALA H 12 26.28 -14.65 2.34
N PHE H 13 26.65 -15.03 3.57
CA PHE H 13 27.67 -16.06 3.78
C PHE H 13 27.07 -17.27 4.45
N GLU H 14 27.57 -18.44 4.07
CA GLU H 14 27.38 -19.66 4.83
C GLU H 14 28.70 -19.92 5.55
N THR H 15 28.61 -20.36 6.80
CA THR H 15 29.73 -20.29 7.75
C THR H 15 29.86 -21.58 8.58
N THR H 16 31.10 -21.88 9.01
CA THR H 16 31.37 -22.99 9.93
C THR H 16 30.86 -22.67 11.33
N THR H 17 30.44 -23.71 12.05
CA THR H 17 29.72 -23.58 13.32
C THR H 17 30.59 -23.59 14.58
N LYS H 18 31.74 -24.29 14.52
CA LYS H 18 32.60 -24.46 15.72
C LYS H 18 33.70 -23.40 15.85
N VAL H 19 34.14 -23.21 17.10
CA VAL H 19 35.02 -22.09 17.48
C VAL H 19 36.43 -22.14 16.86
N GLU H 20 37.02 -23.34 16.85
CA GLU H 20 38.44 -23.51 16.48
C GLU H 20 38.70 -23.55 14.96
N ASP H 21 37.63 -23.54 14.17
CA ASP H 21 37.73 -23.56 12.71
C ASP H 21 36.58 -22.74 12.09
N CYS H 22 36.54 -21.47 12.44
CA CYS H 22 35.48 -20.57 12.03
C CYS H 22 35.82 -19.91 10.68
N ARG H 23 35.07 -20.25 9.63
CA ARG H 23 35.31 -19.72 8.28
C ARG H 23 34.09 -19.77 7.36
N VAL H 24 34.13 -18.94 6.31
CA VAL H 24 33.12 -18.92 5.26
C VAL H 24 33.38 -20.06 4.29
N TRP H 25 32.35 -20.88 4.02
CA TRP H 25 32.44 -21.96 3.00
C TRP H 25 31.56 -21.67 1.76
N ALA H 26 30.66 -20.70 1.87
CA ALA H 26 29.86 -20.26 0.72
C ALA H 26 29.53 -18.80 0.81
N TYR H 27 29.46 -18.13 -0.34
CA TYR H 27 28.94 -16.77 -0.43
C TYR H 27 27.90 -16.67 -1.53
N GLY H 28 27.08 -15.64 -1.46
CA GLY H 28 26.18 -15.28 -2.56
C GLY H 28 25.94 -13.79 -2.64
N TYR H 29 25.84 -13.27 -3.86
CA TYR H 29 25.32 -11.92 -4.07
C TYR H 29 24.33 -11.92 -5.23
N MET H 30 23.33 -11.05 -5.14
CA MET H 30 22.32 -10.86 -6.16
C MET H 30 21.95 -9.37 -6.24
N ASN H 31 21.89 -8.85 -7.46
CA ASN H 31 21.46 -7.46 -7.70
C ASN H 31 19.98 -7.32 -7.30
N ILE H 32 19.69 -6.41 -6.37
CA ILE H 32 18.32 -6.17 -5.88
C ILE H 32 17.36 -5.71 -7.00
N GLU H 33 17.94 -5.07 -8.02
CA GLU H 33 17.19 -4.52 -9.16
C GLU H 33 17.28 -5.42 -10.42
N ASP H 34 18.11 -6.46 -10.37
CA ASP H 34 18.21 -7.44 -11.45
C ASP H 34 18.51 -8.82 -10.88
N HIS H 35 17.45 -9.58 -10.61
CA HIS H 35 17.57 -10.86 -9.91
C HIS H 35 18.25 -11.94 -10.75
N SER H 36 18.43 -11.67 -12.06
CA SER H 36 19.21 -12.54 -12.93
C SER H 36 20.72 -12.33 -12.77
N GLU H 37 21.11 -11.18 -12.21
CA GLU H 37 22.52 -10.91 -11.91
C GLU H 37 22.83 -11.45 -10.51
N TYR H 38 23.49 -12.60 -10.46
CA TYR H 38 23.87 -13.22 -9.19
C TYR H 38 25.08 -14.12 -9.37
N LYS H 39 25.75 -14.41 -8.27
CA LYS H 39 26.89 -15.33 -8.28
C LYS H 39 27.04 -15.99 -6.93
N ILE H 40 27.17 -17.31 -6.94
CA ILE H 40 27.40 -18.08 -5.73
C ILE H 40 28.73 -18.82 -5.86
N GLY H 41 29.59 -18.65 -4.84
CA GLY H 41 30.91 -19.29 -4.83
C GLY H 41 31.29 -19.80 -3.46
N ASN H 42 32.46 -20.43 -3.38
CA ASN H 42 32.95 -21.01 -2.12
C ASN H 42 34.19 -20.32 -1.56
N SER H 43 34.49 -19.13 -2.06
CA SER H 43 35.72 -18.41 -1.68
C SER H 43 35.46 -16.99 -1.24
N LEU H 44 35.81 -16.71 0.02
CA LEU H 44 35.72 -15.37 0.59
C LEU H 44 36.64 -14.38 -0.15
N ASP H 45 37.85 -14.85 -0.50
CA ASP H 45 38.78 -14.08 -1.34
C ASP H 45 38.12 -13.64 -2.65
N GLU H 46 37.41 -14.57 -3.29
CA GLU H 46 36.70 -14.31 -4.55
C GLU H 46 35.57 -13.31 -4.35
N PHE H 47 34.82 -13.47 -3.25
CA PHE H 47 33.78 -12.52 -2.90
C PHE H 47 34.35 -11.14 -2.67
N MET H 48 35.40 -11.06 -1.85
CA MET H 48 35.97 -9.77 -1.44
C MET H 48 36.65 -9.00 -2.58
N ALA H 49 37.21 -9.73 -3.55
CA ALA H 49 37.76 -9.11 -4.77
C ALA H 49 36.61 -8.38 -5.49
N TRP H 50 35.43 -9.03 -5.56
CA TRP H 50 34.24 -8.41 -6.14
C TRP H 50 33.78 -7.18 -5.34
N VAL H 51 33.79 -7.30 -4.01
CA VAL H 51 33.47 -6.20 -3.09
C VAL H 51 34.29 -4.93 -3.38
N LEU H 52 35.57 -5.14 -3.65
CA LEU H 52 36.50 -4.05 -3.98
C LEU H 52 36.21 -3.43 -5.35
N LYS H 53 35.62 -4.21 -6.25
CA LYS H 53 35.36 -3.78 -7.64
C LYS H 53 33.97 -3.15 -7.88
N VAL H 54 32.94 -3.68 -7.20
CA VAL H 54 31.53 -3.22 -7.48
C VAL H 54 31.24 -1.79 -7.15
N GLN H 55 31.91 -1.27 -6.11
CA GLN H 55 31.64 0.07 -5.57
C GLN H 55 30.14 0.37 -5.46
N ALA H 56 29.45 -0.50 -4.73
CA ALA H 56 27.99 -0.50 -4.63
C ALA H 56 27.51 -0.62 -3.18
N ASP H 57 26.19 -0.61 -2.98
CA ASP H 57 25.59 -0.84 -1.67
C ASP H 57 25.27 -2.32 -1.52
N LEU H 58 25.80 -2.94 -0.46
CA LEU H 58 25.60 -4.36 -0.21
C LEU H 58 24.81 -4.48 1.08
N TYR H 59 23.90 -5.45 1.11
CA TYR H 59 23.15 -5.74 2.32
C TYR H 59 23.37 -7.21 2.71
N PHE H 60 23.73 -7.42 3.97
CA PHE H 60 23.75 -8.75 4.56
C PHE H 60 22.64 -8.80 5.56
N HIS H 61 22.00 -9.96 5.67
CA HIS H 61 20.94 -10.13 6.66
C HIS H 61 21.54 -10.65 7.95
N ASN H 62 21.64 -9.75 8.93
CA ASN H 62 22.40 -9.92 10.18
C ASN H 62 23.90 -9.69 9.93
N LEU H 63 24.21 -8.43 9.63
CA LEU H 63 25.57 -7.99 9.34
C LEU H 63 26.55 -8.33 10.47
N LYS H 64 26.07 -8.24 11.71
CA LYS H 64 26.88 -8.63 12.90
C LYS H 64 27.72 -9.87 12.65
N PHE H 65 27.13 -10.88 12.03
CA PHE H 65 27.84 -12.13 11.76
C PHE H 65 28.79 -12.04 10.56
N ALA H 66 28.25 -11.76 9.39
CA ALA H 66 29.05 -11.61 8.16
C ALA H 66 30.18 -10.57 8.30
N GLY H 67 29.84 -9.42 8.88
CA GLY H 67 30.76 -8.28 9.02
C GLY H 67 32.09 -8.60 9.68
N ALA H 68 32.08 -9.54 10.62
CA ALA H 68 33.29 -9.97 11.29
C ALA H 68 34.26 -10.66 10.33
N PHE H 69 33.72 -11.43 9.39
CA PHE H 69 34.52 -12.12 8.37
C PHE H 69 35.10 -11.13 7.37
N ILE H 70 34.27 -10.15 7.01
CA ILE H 70 34.63 -9.08 6.07
C ILE H 70 35.81 -8.25 6.62
N ILE H 71 35.66 -7.78 7.85
CA ILE H 71 36.69 -6.96 8.52
C ILE H 71 37.99 -7.76 8.75
N ASN H 72 37.85 -9.04 9.11
CA ASN H 72 39.00 -9.96 9.18
C ASN H 72 39.80 -9.97 7.88
N TRP H 73 39.09 -10.16 6.77
CA TRP H 73 39.71 -10.19 5.44
C TRP H 73 40.39 -8.86 5.12
N LEU H 74 39.64 -7.76 5.26
CA LEU H 74 40.14 -6.40 5.05
C LEU H 74 41.45 -6.13 5.78
N GLU H 75 41.49 -6.53 7.06
CA GLU H 75 42.64 -6.29 7.92
C GLU H 75 43.88 -7.08 7.50
N ARG H 76 43.67 -8.20 6.82
CA ARG H 76 44.77 -9.06 6.36
C ARG H 76 45.11 -8.82 4.89
N ASN H 77 44.35 -7.94 4.22
CA ASN H 77 44.53 -7.68 2.79
C ASN H 77 44.72 -6.20 2.45
N GLY H 78 45.42 -5.47 3.33
CA GLY H 78 45.91 -4.13 3.01
C GLY H 78 44.94 -2.98 3.27
N PHE H 79 43.93 -3.23 4.12
CA PHE H 79 43.03 -2.18 4.57
C PHE H 79 43.24 -1.96 6.07
N LYS H 80 42.87 -0.79 6.55
CA LYS H 80 42.92 -0.49 7.99
C LYS H 80 41.72 0.36 8.36
N TRP H 81 41.35 0.35 9.64
CA TRP H 81 40.26 1.19 10.10
C TRP H 81 40.69 2.64 10.06
N SER H 82 39.85 3.51 9.51
CA SER H 82 40.12 4.94 9.54
C SER H 82 38.83 5.74 9.61
N ALA H 83 38.83 6.73 10.49
CA ALA H 83 37.72 7.67 10.61
C ALA H 83 37.75 8.71 9.48
N ASP H 84 38.92 8.85 8.84
CA ASP H 84 39.15 9.90 7.84
C ASP H 84 38.62 9.56 6.42
N GLY H 85 38.09 8.36 6.24
CA GLY H 85 37.56 7.94 4.93
C GLY H 85 38.62 7.98 3.81
N LEU H 86 39.83 7.56 4.13
CA LEU H 86 40.92 7.58 3.15
C LEU H 86 40.88 6.33 2.26
N PRO H 87 41.47 6.42 1.04
CA PRO H 87 41.54 5.22 0.20
C PRO H 87 42.25 4.06 0.92
N ASN H 88 41.87 2.83 0.57
CA ASN H 88 42.41 1.62 1.21
C ASN H 88 42.24 1.60 2.74
N THR H 89 41.16 2.23 3.20
CA THR H 89 40.76 2.16 4.59
C THR H 89 39.26 1.90 4.63
N TYR H 90 38.76 1.51 5.79
CA TYR H 90 37.34 1.30 5.97
C TYR H 90 36.90 1.95 7.27
N ASN H 91 35.68 2.43 7.27
CA ASN H 91 35.06 2.97 8.47
C ASN H 91 33.87 2.10 8.82
N THR H 92 33.36 2.26 10.03
CA THR H 92 32.25 1.44 10.53
C THR H 92 31.27 2.24 11.38
N ILE H 93 30.04 1.76 11.44
CA ILE H 93 29.09 2.18 12.46
C ILE H 93 28.70 0.92 13.23
N ILE H 94 29.29 0.77 14.41
CA ILE H 94 28.96 -0.31 15.35
C ILE H 94 28.73 0.34 16.70
N SER H 95 27.53 0.19 17.25
CA SER H 95 27.17 0.88 18.48
C SER H 95 27.88 0.31 19.72
N ARG H 96 27.80 1.03 20.83
CA ARG H 96 28.36 0.57 22.12
C ARG H 96 27.75 -0.74 22.61
N MET H 97 26.54 -1.05 22.13
CA MET H 97 25.85 -2.29 22.46
C MET H 97 26.08 -3.39 21.42
N GLY H 98 27.02 -3.15 20.50
CA GLY H 98 27.44 -4.17 19.53
C GLY H 98 26.46 -4.45 18.40
N GLN H 99 25.73 -3.42 17.97
CA GLN H 99 24.87 -3.56 16.79
C GLN H 99 25.52 -2.90 15.58
N TRP H 100 25.62 -3.68 14.50
CA TRP H 100 26.27 -3.27 13.26
C TRP H 100 25.28 -2.60 12.33
N TYR H 101 25.67 -1.46 11.78
CA TYR H 101 24.83 -0.71 10.82
C TYR H 101 25.50 -0.54 9.48
N MET H 102 26.83 -0.37 9.48
CA MET H 102 27.55 0.01 8.28
C MET H 102 29.03 -0.36 8.33
N ILE H 103 29.54 -0.84 7.19
CA ILE H 103 31.00 -0.94 6.95
C ILE H 103 31.27 -0.20 5.63
N ASP H 104 31.99 0.90 5.70
CA ASP H 104 32.22 1.76 4.54
C ASP H 104 33.66 1.60 4.04
N ILE H 105 33.81 0.85 2.95
CA ILE H 105 35.11 0.49 2.41
C ILE H 105 35.52 1.47 1.32
N CYS H 106 36.54 2.28 1.60
CA CYS H 106 36.98 3.32 0.66
C CYS H 106 38.04 2.84 -0.33
N LEU H 107 37.71 2.96 -1.60
CA LEU H 107 38.59 2.53 -2.68
C LEU H 107 39.43 3.69 -3.28
N GLY H 108 38.89 4.90 -3.25
CA GLY H 108 39.56 6.08 -3.82
C GLY H 108 38.63 7.28 -3.88
N TYR H 109 39.04 8.30 -4.63
CA TYR H 109 38.25 9.53 -4.84
C TYR H 109 38.32 10.01 -6.29
N LYS H 110 37.23 10.61 -6.77
CA LYS H 110 37.15 11.25 -8.09
C LYS H 110 36.17 12.44 -8.09
N GLY H 111 36.57 13.70 -7.86
CA GLY H 111 37.85 14.10 -7.29
C GLY H 111 37.61 14.30 -5.81
N LYS H 112 36.49 14.93 -5.44
CA LYS H 112 35.99 14.90 -4.05
C LYS H 112 34.87 13.88 -3.84
N ARG H 113 34.49 13.19 -4.91
CA ARG H 113 33.51 12.13 -4.85
C ARG H 113 34.19 10.83 -4.42
N LYS H 114 33.68 10.26 -3.33
CA LYS H 114 34.22 9.06 -2.72
C LYS H 114 33.87 7.84 -3.56
N ILE H 115 34.88 7.03 -3.86
CA ILE H 115 34.66 5.75 -4.53
C ILE H 115 34.69 4.69 -3.44
N HIS H 116 33.55 4.03 -3.23
CA HIS H 116 33.44 3.11 -2.12
C HIS H 116 32.37 2.07 -2.30
N THR H 117 32.51 1.00 -1.54
CA THR H 117 31.50 -0.03 -1.39
C THR H 117 31.09 0.03 0.05
N VAL H 118 29.77 0.13 0.27
CA VAL H 118 29.23 0.20 1.62
C VAL H 118 28.40 -1.03 1.90
N ILE H 119 28.62 -1.60 3.09
CA ILE H 119 27.87 -2.79 3.50
C ILE H 119 26.88 -2.42 4.63
N TYR H 120 25.62 -2.79 4.43
CA TYR H 120 24.57 -2.45 5.38
C TYR H 120 23.93 -3.73 5.95
N ASP H 121 23.08 -3.56 6.95
CA ASP H 121 22.40 -4.67 7.61
C ASP H 121 20.92 -4.67 7.23
N SER H 122 20.52 -5.60 6.37
CA SER H 122 19.09 -5.68 5.99
C SER H 122 18.20 -6.03 7.19
N LEU H 123 18.78 -6.66 8.24
CA LEU H 123 18.05 -6.95 9.47
C LEU H 123 17.57 -5.66 10.17
N LYS H 124 18.30 -4.56 9.99
CA LYS H 124 17.89 -3.27 10.57
C LYS H 124 16.59 -2.69 9.93
N LYS H 125 16.29 -3.05 8.68
CA LYS H 125 15.03 -2.60 8.06
C LYS H 125 13.96 -3.69 7.98
N LEU H 126 14.39 -4.95 8.10
CA LEU H 126 13.50 -6.12 8.10
C LEU H 126 13.93 -7.05 9.25
N PRO H 127 13.59 -6.69 10.50
CA PRO H 127 14.11 -7.42 11.67
C PRO H 127 13.34 -8.73 11.95
N PHE H 128 13.45 -9.67 11.02
CA PHE H 128 12.75 -10.95 11.05
C PHE H 128 13.66 -11.98 10.36
N PRO H 129 13.48 -13.30 10.66
CA PRO H 129 14.18 -14.31 9.86
C PRO H 129 13.74 -14.32 8.39
N VAL H 130 14.67 -14.71 7.51
CA VAL H 130 14.42 -14.82 6.06
C VAL H 130 13.11 -15.56 5.73
N LYS H 131 12.85 -16.68 6.41
CA LYS H 131 11.65 -17.47 6.14
C LYS H 131 10.36 -16.73 6.50
N LYS H 132 10.40 -15.97 7.60
CA LYS H 132 9.25 -15.14 8.00
C LYS H 132 9.01 -13.99 7.00
N ILE H 133 10.11 -13.42 6.52
CA ILE H 133 10.03 -12.38 5.48
CA ILE H 133 10.06 -12.39 5.46
C ILE H 133 9.39 -12.96 4.21
N ALA H 134 9.86 -14.13 3.78
CA ALA H 134 9.30 -14.78 2.60
C ALA H 134 7.78 -15.06 2.83
N LYS H 135 7.44 -15.61 4.00
CA LYS H 135 6.04 -15.92 4.35
C LYS H 135 5.14 -14.69 4.23
N ASP H 136 5.56 -13.59 4.86
CA ASP H 136 4.67 -12.44 5.02
C ASP H 136 4.67 -11.44 3.82
N PHE H 137 5.78 -11.38 3.06
CA PHE H 137 5.82 -10.64 1.79
C PHE H 137 5.29 -11.45 0.61
N LYS H 138 4.92 -12.72 0.87
CA LYS H 138 4.42 -13.64 -0.16
C LYS H 138 5.47 -13.92 -1.24
N LEU H 139 6.68 -14.18 -0.79
CA LEU H 139 7.79 -14.53 -1.68
C LEU H 139 8.01 -16.03 -1.68
N THR H 140 8.37 -16.60 -2.85
CA THR H 140 8.62 -18.05 -2.97
C THR H 140 9.78 -18.48 -2.07
N VAL H 141 9.59 -19.57 -1.36
CA VAL H 141 10.57 -20.05 -0.41
C VAL H 141 10.70 -21.58 -0.50
N LEU H 142 11.94 -22.05 -0.52
CA LEU H 142 12.23 -23.47 -0.55
C LEU H 142 12.07 -24.04 0.86
N LYS H 143 11.36 -25.16 0.95
CA LYS H 143 11.14 -25.82 2.23
C LYS H 143 12.39 -26.59 2.64
N GLY H 144 12.72 -26.48 3.93
CA GLY H 144 13.92 -27.08 4.47
C GLY H 144 14.97 -26.05 4.81
N ASP H 145 16.17 -26.53 5.15
CA ASP H 145 17.24 -25.67 5.64
C ASP H 145 18.58 -26.24 5.17
N ILE H 146 19.62 -25.42 5.21
CA ILE H 146 20.98 -25.85 4.85
C ILE H 146 21.51 -26.88 5.84
N ASP H 147 22.45 -27.69 5.36
CA ASP H 147 22.82 -28.95 5.99
C ASP H 147 23.97 -28.81 6.99
N TYR H 148 23.66 -28.28 8.17
CA TYR H 148 24.57 -28.37 9.32
C TYR H 148 24.16 -29.66 10.06
N HIS H 149 24.98 -30.16 10.99
CA HIS H 149 26.28 -29.59 11.37
C HIS H 149 27.37 -30.41 10.65
N LYS H 150 27.14 -30.61 9.36
CA LYS H 150 27.99 -31.39 8.46
C LYS H 150 29.30 -30.66 8.23
N GLU H 151 30.38 -31.44 8.10
CA GLU H 151 31.71 -30.86 7.92
C GLU H 151 32.04 -30.56 6.47
N ARG H 152 32.80 -29.49 6.28
CA ARG H 152 33.14 -28.98 4.97
C ARG H 152 34.55 -28.42 5.02
N PRO H 153 35.56 -29.24 4.62
CA PRO H 153 36.96 -28.79 4.67
C PRO H 153 37.22 -27.61 3.73
N VAL H 154 38.38 -26.97 3.87
CA VAL H 154 38.74 -25.86 3.01
C VAL H 154 38.75 -26.33 1.55
N GLY H 155 38.04 -25.60 0.69
CA GLY H 155 37.87 -25.98 -0.71
C GLY H 155 36.63 -26.81 -0.97
N TYR H 156 35.83 -27.06 0.07
CA TYR H 156 34.58 -27.83 -0.05
C TYR H 156 33.74 -27.31 -1.22
N LYS H 157 33.21 -28.24 -2.00
CA LYS H 157 32.43 -27.92 -3.19
C LYS H 157 30.93 -27.92 -2.90
N ILE H 158 30.28 -26.82 -3.25
CA ILE H 158 28.85 -26.61 -2.96
C ILE H 158 27.98 -27.54 -3.83
N THR H 159 27.00 -28.17 -3.20
CA THR H 159 26.08 -29.08 -3.90
C THR H 159 24.93 -28.29 -4.54
N PRO H 160 24.23 -28.90 -5.54
CA PRO H 160 23.06 -28.24 -6.15
C PRO H 160 22.00 -27.82 -5.13
N GLU H 161 21.78 -28.69 -4.12
CA GLU H 161 20.83 -28.41 -3.04
C GLU H 161 21.22 -27.13 -2.26
N GLU H 162 22.43 -27.12 -1.72
CA GLU H 162 22.96 -25.97 -0.97
C GLU H 162 22.91 -24.69 -1.80
N TYR H 163 23.35 -24.80 -3.06
CA TYR H 163 23.35 -23.67 -4.02
C TYR H 163 21.96 -23.05 -4.15
N ALA H 164 20.94 -23.91 -4.26
CA ALA H 164 19.55 -23.46 -4.36
C ALA H 164 19.09 -22.75 -3.08
N TYR H 165 19.49 -23.29 -1.92
CA TYR H 165 19.14 -22.65 -0.64
C TYR H 165 19.79 -21.28 -0.51
N ILE H 166 21.05 -21.18 -0.91
CA ILE H 166 21.77 -19.89 -0.88
C ILE H 166 21.14 -18.92 -1.86
N LYS H 167 20.88 -19.37 -3.09
CA LYS H 167 20.21 -18.53 -4.10
C LYS H 167 18.84 -18.05 -3.59
N ASN H 168 18.05 -18.96 -3.02
CA ASN H 168 16.73 -18.60 -2.48
C ASN H 168 16.84 -17.57 -1.34
N ASP H 169 17.83 -17.75 -0.47
CA ASP H 169 18.07 -16.83 0.67
C ASP H 169 18.36 -15.41 0.24
N ILE H 170 19.30 -15.25 -0.69
CA ILE H 170 19.65 -13.91 -1.18
C ILE H 170 18.53 -13.31 -2.05
N GLN H 171 17.78 -14.17 -2.77
CA GLN H 171 16.67 -13.67 -3.62
C GLN H 171 15.48 -13.15 -2.80
N ILE H 172 15.15 -13.84 -1.72
CA ILE H 172 14.07 -13.40 -0.81
C ILE H 172 14.34 -11.99 -0.26
N ILE H 173 15.57 -11.76 0.17
CA ILE H 173 15.96 -10.48 0.74
C ILE H 173 16.02 -9.39 -0.35
N ALA H 174 16.49 -9.78 -1.54
CA ALA H 174 16.54 -8.91 -2.71
C ALA H 174 15.14 -8.44 -3.12
N GLU H 175 14.18 -9.38 -3.11
CA GLU H 175 12.79 -9.10 -3.44
C GLU H 175 12.13 -8.19 -2.38
N ALA H 176 12.33 -8.50 -1.09
CA ALA H 176 11.76 -7.71 0.00
C ALA H 176 12.34 -6.29 0.06
N LEU H 177 13.66 -6.18 -0.11
CA LEU H 177 14.31 -4.85 -0.16
C LEU H 177 13.86 -4.06 -1.38
N LEU H 178 13.72 -4.72 -2.53
CA LEU H 178 13.27 -4.03 -3.74
C LEU H 178 11.89 -3.44 -3.53
N ILE H 179 11.00 -4.24 -2.94
CA ILE H 179 9.64 -3.81 -2.62
C ILE H 179 9.65 -2.64 -1.64
N GLN H 180 10.46 -2.71 -0.59
CA GLN H 180 10.59 -1.61 0.36
CA GLN H 180 10.55 -1.62 0.35
C GLN H 180 11.04 -0.34 -0.37
N PHE H 181 11.99 -0.50 -1.28
CA PHE H 181 12.51 0.65 -2.06
C PHE H 181 11.41 1.29 -2.93
N LYS H 182 10.56 0.45 -3.54
CA LYS H 182 9.43 0.93 -4.33
C LYS H 182 8.34 1.56 -3.47
N GLN H 183 8.37 1.24 -2.17
CA GLN H 183 7.48 1.85 -1.21
C GLN H 183 8.08 3.13 -0.61
N GLY H 184 9.28 3.50 -1.05
CA GLY H 184 9.93 4.75 -0.61
C GLY H 184 10.80 4.60 0.62
N LEU H 185 11.03 3.34 1.04
CA LEU H 185 11.76 3.03 2.27
C LEU H 185 13.19 2.69 1.93
N ASP H 186 14.02 3.74 1.84
CA ASP H 186 15.35 3.65 1.20
C ASP H 186 16.53 3.99 2.13
N ARG H 187 16.28 4.02 3.43
CA ARG H 187 17.32 4.35 4.41
C ARG H 187 17.97 3.07 4.94
N MET H 188 18.99 3.23 5.78
CA MET H 188 19.79 2.06 6.22
C MET H 188 19.13 1.28 7.37
N THR H 189 18.11 1.88 7.99
CA THR H 189 17.33 1.23 9.08
C THR H 189 15.82 1.51 8.94
N ALA H 190 15.02 0.82 9.73
CA ALA H 190 13.56 1.05 9.80
C ALA H 190 13.23 2.39 10.49
N GLY H 191 13.94 2.69 11.58
CA GLY H 191 13.76 3.97 12.28
C GLY H 191 14.05 5.15 11.35
N SER H 192 15.09 5.01 10.55
CA SER H 192 15.46 6.03 9.58
C SER H 192 14.45 6.10 8.42
N ASP H 193 13.94 4.93 7.99
CA ASP H 193 12.84 4.88 7.01
C ASP H 193 11.63 5.65 7.54
N SER H 194 11.38 5.52 8.85
CA SER H 194 10.22 6.14 9.52
C SER H 194 10.33 7.67 9.63
N LEU H 195 11.48 8.16 10.09
CA LEU H 195 11.71 9.60 10.18
C LEU H 195 11.69 10.26 8.79
N LYS H 196 12.27 9.57 7.80
CA LYS H 196 12.20 10.01 6.41
C LYS H 196 10.74 10.20 5.99
N GLY H 197 9.92 9.19 6.25
CA GLY H 197 8.50 9.21 5.87
C GLY H 197 7.73 10.38 6.47
N PHE H 198 7.98 10.67 7.73
CA PHE H 198 7.37 11.82 8.42
C PHE H 198 7.84 13.13 7.78
N LYS H 199 9.16 13.25 7.55
CA LYS H 199 9.74 14.44 6.90
C LYS H 199 9.21 14.66 5.48
N ASP H 200 8.97 13.56 4.74
CA ASP H 200 8.35 13.62 3.40
C ASP H 200 6.98 14.31 3.45
N ILE H 201 6.18 13.92 4.42
CA ILE H 201 4.81 14.43 4.57
C ILE H 201 4.77 15.88 5.05
N ILE H 202 5.60 16.21 6.03
CA ILE H 202 5.63 17.59 6.54
C ILE H 202 6.67 18.50 5.82
N THR H 203 7.54 17.89 5.00
CA THR H 203 8.72 18.55 4.36
C THR H 203 9.91 18.71 5.34
N THR H 204 11.12 18.45 4.83
CA THR H 204 12.35 18.57 5.63
C THR H 204 12.52 20.01 6.15
N LYS H 205 12.22 20.98 5.29
CA LYS H 205 12.37 22.39 5.67
C LYS H 205 11.41 22.84 6.78
N LYS H 206 10.18 22.31 6.78
CA LYS H 206 9.25 22.59 7.88
C LYS H 206 9.68 21.90 9.17
N PHE H 207 10.17 20.66 9.05
CA PHE H 207 10.70 19.93 10.18
C PHE H 207 11.78 20.74 10.92
N LYS H 208 12.74 21.23 10.14
CA LYS H 208 13.87 22.05 10.62
C LYS H 208 13.38 23.27 11.38
N LYS H 209 12.33 23.90 10.85
CA LYS H 209 11.73 25.09 11.44
C LYS H 209 11.01 24.78 12.75
N VAL H 210 10.17 23.75 12.72
CA VAL H 210 9.31 23.40 13.85
C VAL H 210 10.08 22.75 15.00
N PHE H 211 11.16 22.04 14.66
CA PHE H 211 11.96 21.31 15.63
C PHE H 211 13.42 21.76 15.57
N PRO H 212 13.71 22.94 16.14
CA PRO H 212 15.07 23.47 16.03
C PRO H 212 16.02 22.68 16.92
N THR H 213 17.31 22.68 16.57
CA THR H 213 18.31 21.99 17.38
C THR H 213 18.56 22.77 18.66
N LEU H 214 18.25 22.14 19.80
CA LEU H 214 18.49 22.77 21.09
C LEU H 214 19.97 22.69 21.44
N SER H 215 20.46 23.66 22.23
CA SER H 215 21.84 23.64 22.73
C SER H 215 22.07 22.44 23.65
N LEU H 216 23.34 22.09 23.85
CA LEU H 216 23.71 20.93 24.68
C LEU H 216 23.15 20.99 26.11
N GLY H 217 23.29 22.15 26.75
CA GLY H 217 22.82 22.35 28.12
C GLY H 217 21.31 22.44 28.27
N LEU H 218 20.66 23.02 27.26
CA LEU H 218 19.19 23.09 27.21
C LEU H 218 18.60 21.69 27.04
N ASP H 219 19.18 20.93 26.11
CA ASP H 219 18.76 19.57 25.85
C ASP H 219 19.00 18.65 27.08
N LYS H 220 20.11 18.88 27.77
CA LYS H 220 20.42 18.21 29.05
C LYS H 220 19.36 18.49 30.11
N GLU H 221 18.90 19.74 30.16
CA GLU H 221 17.84 20.15 31.09
C GLU H 221 16.52 19.46 30.75
N VAL H 222 16.18 19.45 29.46
CA VAL H 222 15.00 18.74 28.96
C VAL H 222 15.04 17.27 29.41
N ARG H 223 16.17 16.62 29.16
CA ARG H 223 16.39 15.19 29.48
C ARG H 223 16.26 14.80 30.96
N TYR H 224 16.38 15.77 31.87
CA TYR H 224 16.10 15.56 33.27
C TYR H 224 14.64 15.09 33.47
N ALA H 225 13.77 15.48 32.53
CA ALA H 225 12.35 15.22 32.61
C ALA H 225 11.92 14.06 31.71
N TYR H 226 12.87 13.49 30.97
CA TYR H 226 12.59 12.39 30.07
C TYR H 226 12.60 11.04 30.81
N ARG H 227 11.44 10.39 30.86
CA ARG H 227 11.31 9.07 31.47
C ARG H 227 10.50 8.15 30.57
N GLY H 228 10.46 6.85 30.91
CA GLY H 228 9.87 5.85 30.03
C GLY H 228 8.53 5.33 30.52
N GLY H 229 8.31 4.03 30.39
CA GLY H 229 6.97 3.44 30.64
C GLY H 229 6.65 3.21 32.10
N PHE H 230 5.36 3.17 32.42
CA PHE H 230 4.89 2.83 33.74
C PHE H 230 4.83 1.30 33.88
N THR H 231 5.79 0.74 34.61
CA THR H 231 5.84 -0.71 34.85
C THR H 231 5.72 -0.95 36.35
N TRP H 232 4.59 -1.53 36.76
CA TRP H 232 4.25 -1.57 38.17
C TRP H 232 3.45 -2.84 38.49
N LEU H 233 3.87 -3.53 39.54
CA LEU H 233 3.09 -4.67 40.11
C LEU H 233 2.44 -4.23 41.41
N ASN H 234 1.13 -4.40 41.51
CA ASN H 234 0.40 -4.17 42.77
C ASN H 234 0.92 -5.10 43.86
N ASP H 235 1.33 -4.53 45.00
CA ASP H 235 2.02 -5.29 46.06
C ASP H 235 1.23 -6.46 46.63
N ARG H 236 -0.09 -6.27 46.74
CA ARG H 236 -0.97 -7.30 47.32
C ARG H 236 -1.08 -8.57 46.46
N PHE H 237 -0.53 -8.48 45.23
CA PHE H 237 -0.47 -9.61 44.28
C PHE H 237 0.93 -10.17 44.08
N LYS H 238 1.94 -9.51 44.65
CA LYS H 238 3.32 -9.96 44.45
C LYS H 238 3.53 -11.40 44.96
N GLU H 239 4.03 -12.25 44.07
CA GLU H 239 4.30 -13.67 44.33
C GLU H 239 3.07 -14.53 44.65
N LYS H 240 1.87 -13.95 44.49
CA LYS H 240 0.63 -14.64 44.84
C LYS H 240 0.02 -15.33 43.62
N GLU H 241 -0.48 -16.55 43.82
CA GLU H 241 -1.18 -17.27 42.77
C GLU H 241 -2.53 -16.59 42.51
N ILE H 242 -2.78 -16.24 41.26
CA ILE H 242 -4.03 -15.63 40.87
C ILE H 242 -4.85 -16.64 40.11
N GLY H 243 -6.17 -16.55 40.28
CA GLY H 243 -7.09 -17.30 39.44
C GLY H 243 -7.37 -16.55 38.15
N GLU H 244 -8.64 -16.45 37.79
CA GLU H 244 -9.03 -15.88 36.51
C GLU H 244 -8.78 -14.37 36.43
N GLY H 245 -8.39 -13.94 35.24
CA GLY H 245 -8.08 -12.55 35.00
C GLY H 245 -8.05 -12.23 33.53
N MET H 246 -7.75 -10.97 33.22
CA MET H 246 -7.82 -10.52 31.83
C MET H 246 -6.82 -9.40 31.61
N VAL H 247 -6.45 -9.20 30.34
CA VAL H 247 -5.45 -8.22 29.95
C VAL H 247 -5.99 -7.31 28.87
N PHE H 248 -5.89 -6.01 29.12
CA PHE H 248 -6.19 -4.98 28.14
C PHE H 248 -4.90 -4.25 27.77
N ASP H 249 -4.76 -3.93 26.48
CA ASP H 249 -3.52 -3.33 25.97
C ASP H 249 -3.85 -2.31 24.89
N VAL H 250 -3.35 -1.09 25.06
CA VAL H 250 -3.62 -0.03 24.08
C VAL H 250 -3.08 -0.36 22.70
N ASN H 251 -3.96 -0.10 21.72
CA ASN H 251 -3.64 -0.06 20.30
C ASN H 251 -2.76 1.14 19.98
N SER H 252 -1.46 0.88 19.83
CA SER H 252 -0.43 1.90 19.53
C SER H 252 -0.50 3.05 20.52
N LEU H 253 -0.10 2.82 21.78
CA LEU H 253 -0.22 3.86 22.80
C LEU H 253 0.55 5.17 22.50
N TYR H 254 1.85 5.06 22.24
CA TYR H 254 2.67 6.27 22.03
C TYR H 254 2.20 7.02 20.78
N PRO H 255 1.98 6.29 19.65
CA PRO H 255 1.36 6.93 18.48
C PRO H 255 -0.02 7.54 18.71
N ALA H 256 -0.88 6.92 19.53
CA ALA H 256 -2.17 7.53 19.88
C ALA H 256 -1.99 8.89 20.58
N GLN H 257 -0.97 9.01 21.41
CA GLN H 257 -0.64 10.26 22.11
C GLN H 257 -0.18 11.32 21.11
N MET H 258 0.65 10.90 20.16
CA MET H 258 1.13 11.77 19.09
C MET H 258 -0.03 12.25 18.23
N TYR H 259 -1.03 11.39 18.09
CA TYR H 259 -2.22 11.70 17.29
C TYR H 259 -3.14 12.75 17.90
N SER H 260 -3.27 12.75 19.23
CA SER H 260 -4.36 13.46 19.92
C SER H 260 -3.97 14.52 20.93
N ARG H 261 -2.73 14.48 21.42
CA ARG H 261 -2.33 15.28 22.57
C ARG H 261 -1.64 16.59 22.21
N LEU H 262 -1.70 17.54 23.15
CA LEU H 262 -0.94 18.80 23.05
C LEU H 262 0.53 18.49 23.26
N LEU H 263 1.33 18.77 22.24
CA LEU H 263 2.75 18.38 22.20
C LEU H 263 3.64 19.57 21.81
N PRO H 264 4.91 19.60 22.31
CA PRO H 264 5.78 20.78 22.15
C PRO H 264 6.48 20.92 20.79
N TYR H 265 6.83 22.16 20.46
CA TYR H 265 7.66 22.43 19.31
C TYR H 265 8.39 23.76 19.53
N GLY H 266 9.36 24.06 18.67
CA GLY H 266 10.04 25.33 18.70
C GLY H 266 11.01 25.46 19.86
N GLU H 267 11.48 26.68 20.08
CA GLU H 267 12.46 26.97 21.10
C GLU H 267 11.79 27.27 22.44
N PRO H 268 12.27 26.61 23.51
CA PRO H 268 11.71 26.89 24.83
C PRO H 268 12.17 28.19 25.42
N ILE H 269 11.40 28.70 26.37
CA ILE H 269 11.79 29.84 27.18
C ILE H 269 12.10 29.38 28.62
N VAL H 270 13.26 29.82 29.11
CA VAL H 270 13.68 29.59 30.48
C VAL H 270 12.89 30.51 31.41
N PHE H 271 12.27 29.92 32.45
CA PHE H 271 11.67 30.72 33.54
C PHE H 271 12.26 30.33 34.91
N GLU H 272 12.17 31.26 35.85
CA GLU H 272 12.59 31.03 37.24
C GLU H 272 11.35 30.92 38.14
N GLY H 273 11.46 30.14 39.21
CA GLY H 273 10.36 29.95 40.14
C GLY H 273 9.26 29.06 39.57
N LYS H 274 8.01 29.36 39.91
CA LYS H 274 6.85 28.58 39.47
C LYS H 274 6.40 29.06 38.11
N TYR H 275 6.10 28.12 37.22
CA TYR H 275 5.52 28.42 35.90
C TYR H 275 4.28 29.32 36.04
N VAL H 276 4.22 30.36 35.23
CA VAL H 276 3.02 31.21 35.13
C VAL H 276 2.31 30.86 33.81
N TRP H 277 1.01 30.55 33.89
CA TRP H 277 0.21 30.17 32.71
C TRP H 277 0.41 31.11 31.52
N ASP H 278 0.81 30.52 30.40
CA ASP H 278 1.08 31.27 29.20
C ASP H 278 0.47 30.52 28.02
N GLU H 279 -0.65 31.04 27.52
CA GLU H 279 -1.40 30.38 26.43
C GLU H 279 -0.57 30.15 25.15
N ASP H 280 0.46 30.99 24.92
CA ASP H 280 1.37 30.83 23.78
C ASP H 280 2.47 29.77 24.04
N TYR H 281 2.74 29.52 25.33
CA TYR H 281 3.71 28.52 25.76
C TYR H 281 3.05 27.61 26.81
N PRO H 282 2.05 26.81 26.38
CA PRO H 282 1.13 26.16 27.32
C PRO H 282 1.65 24.89 27.97
N LEU H 283 2.78 24.36 27.49
CA LEU H 283 3.42 23.18 28.10
C LEU H 283 4.67 23.61 28.81
N HIS H 284 5.04 22.89 29.85
CA HIS H 284 6.29 23.17 30.55
C HIS H 284 6.85 21.99 31.31
N ILE H 285 8.12 22.16 31.67
CA ILE H 285 8.85 21.27 32.54
C ILE H 285 9.24 22.09 33.77
N GLN H 286 8.93 21.58 34.95
CA GLN H 286 9.21 22.28 36.21
C GLN H 286 10.17 21.48 37.07
N HIS H 287 11.18 22.17 37.56
CA HIS H 287 12.09 21.66 38.57
C HIS H 287 11.52 22.02 39.94
N ILE H 288 11.19 21.00 40.74
CA ILE H 288 10.69 21.21 42.09
C ILE H 288 11.50 20.44 43.11
N ARG H 289 11.43 20.91 44.34
CA ARG H 289 11.79 20.11 45.49
C ARG H 289 10.57 20.02 46.38
N CYS H 290 10.30 18.82 46.89
CA CYS H 290 9.14 18.62 47.74
C CYS H 290 9.24 17.35 48.56
N GLU H 291 8.27 17.18 49.45
CA GLU H 291 8.00 15.92 50.11
C GLU H 291 6.61 15.49 49.67
N PHE H 292 6.36 14.19 49.69
CA PHE H 292 5.05 13.69 49.24
C PHE H 292 4.58 12.46 49.99
N GLU H 293 3.28 12.20 49.89
CA GLU H 293 2.67 11.01 50.49
C GLU H 293 1.50 10.55 49.62
N LEU H 294 1.52 9.27 49.22
CA LEU H 294 0.48 8.70 48.35
C LEU H 294 -0.89 8.79 49.02
N LYS H 295 -1.87 9.28 48.28
CA LYS H 295 -3.23 9.31 48.78
C LYS H 295 -3.77 7.89 48.90
N GLU H 296 -4.63 7.68 49.87
CA GLU H 296 -5.23 6.38 50.09
C GLU H 296 -6.20 6.05 48.93
N GLY H 297 -6.10 4.83 48.41
CA GLY H 297 -6.94 4.39 47.29
C GLY H 297 -6.40 4.79 45.93
N TYR H 298 -5.15 5.27 45.89
CA TYR H 298 -4.49 5.69 44.65
C TYR H 298 -3.23 4.87 44.35
N ILE H 299 -3.02 4.62 43.07
CA ILE H 299 -1.85 3.92 42.56
C ILE H 299 -0.64 4.89 42.61
N PRO H 300 0.54 4.43 43.08
CA PRO H 300 1.75 5.28 43.05
C PRO H 300 2.27 5.57 41.64
N THR H 301 2.77 6.78 41.42
CA THR H 301 3.20 7.22 40.09
C THR H 301 4.67 7.72 40.04
N ILE H 302 5.28 7.92 41.21
CA ILE H 302 6.63 8.49 41.31
C ILE H 302 7.70 7.44 41.58
N GLN H 303 8.71 7.40 40.69
CA GLN H 303 9.96 6.69 40.95
C GLN H 303 11.12 7.65 40.69
N ILE H 304 12.14 7.52 41.52
CA ILE H 304 13.29 8.43 41.48
C ILE H 304 14.55 7.61 41.24
N LYS H 305 15.22 7.87 40.13
CA LYS H 305 16.45 7.15 39.76
C LYS H 305 17.69 7.94 40.15
N ARG H 306 18.85 7.28 40.12
CA ARG H 306 20.15 7.90 40.46
C ARG H 306 20.17 8.51 41.88
N SER H 307 19.40 7.92 42.79
CA SER H 307 19.34 8.36 44.18
C SER H 307 19.82 7.27 45.10
N ARG H 308 20.53 7.66 46.15
CA ARG H 308 21.01 6.70 47.15
C ARG H 308 19.93 6.47 48.21
N PHE H 309 18.96 7.39 48.28
CA PHE H 309 17.84 7.28 49.21
C PHE H 309 16.73 6.34 48.72
N TYR H 310 16.49 6.32 47.40
CA TYR H 310 15.39 5.52 46.83
C TYR H 310 15.87 4.45 45.85
N LYS H 311 15.18 3.30 45.86
CA LYS H 311 15.40 2.25 44.87
C LYS H 311 14.77 2.70 43.56
N GLY H 312 15.59 2.75 42.51
CA GLY H 312 15.21 3.42 41.24
C GLY H 312 14.05 2.82 40.45
N ASN H 313 13.76 1.54 40.70
CA ASN H 313 12.66 0.85 40.01
C ASN H 313 11.35 0.87 40.82
N GLU H 314 11.41 1.39 42.04
CA GLU H 314 10.28 1.34 42.99
C GLU H 314 9.36 2.55 42.84
N TYR H 315 8.06 2.29 42.78
CA TYR H 315 7.08 3.37 42.82
C TYR H 315 6.77 3.68 44.27
N LEU H 316 6.86 4.96 44.62
CA LEU H 316 6.99 5.38 46.03
C LEU H 316 5.67 5.81 46.67
N LYS H 317 5.44 5.31 47.88
CA LYS H 317 4.30 5.73 48.70
C LYS H 317 4.60 7.03 49.44
N SER H 318 5.88 7.33 49.59
CA SER H 318 6.35 8.46 50.41
C SER H 318 7.75 8.87 49.99
N SER H 319 8.11 10.13 50.25
CA SER H 319 9.49 10.60 50.08
C SER H 319 10.37 10.12 51.25
N GLY H 320 9.73 9.59 52.29
CA GLY H 320 10.42 8.86 53.35
C GLY H 320 11.29 9.72 54.24
N GLY H 321 10.84 10.95 54.52
CA GLY H 321 11.58 11.87 55.38
C GLY H 321 12.67 12.67 54.69
N GLU H 322 12.97 12.32 53.44
CA GLU H 322 13.94 13.06 52.64
C GLU H 322 13.23 13.98 51.63
N ILE H 323 13.96 14.98 51.14
CA ILE H 323 13.44 15.94 50.16
C ILE H 323 13.70 15.45 48.75
N ALA H 324 12.63 15.22 47.98
CA ALA H 324 12.74 14.79 46.59
C ALA H 324 13.05 15.98 45.69
N ASP H 325 13.95 15.78 44.73
CA ASP H 325 14.33 16.80 43.76
C ASP H 325 13.92 16.28 42.39
N LEU H 326 12.86 16.87 41.83
CA LEU H 326 12.22 16.33 40.62
C LEU H 326 12.20 17.31 39.44
N TRP H 327 12.37 16.76 38.25
CA TRP H 327 12.13 17.50 37.00
C TRP H 327 10.95 16.84 36.30
N LEU H 328 9.85 17.56 36.21
CA LEU H 328 8.58 16.99 35.75
C LEU H 328 7.93 17.83 34.67
N SER H 329 7.40 17.17 33.64
CA SER H 329 6.52 17.83 32.69
C SER H 329 5.26 18.24 33.42
N ASN H 330 4.50 19.19 32.87
CA ASN H 330 3.24 19.59 33.49
C ASN H 330 2.23 18.44 33.57
N VAL H 331 2.30 17.52 32.61
CA VAL H 331 1.42 16.30 32.63
C VAL H 331 1.70 15.41 33.87
N ASP H 332 2.98 15.17 34.12
CA ASP H 332 3.41 14.40 35.28
C ASP H 332 3.11 15.09 36.60
N LEU H 333 3.36 16.39 36.66
CA LEU H 333 3.04 17.17 37.87
C LEU H 333 1.55 17.11 38.23
N GLU H 334 0.68 17.22 37.23
CA GLU H 334 -0.77 17.20 37.48
C GLU H 334 -1.23 15.80 37.95
N LEU H 335 -0.62 14.76 37.40
CA LEU H 335 -0.91 13.39 37.79
C LEU H 335 -0.45 13.13 39.24
N MET H 336 0.75 13.60 39.57
CA MET H 336 1.29 13.49 40.92
C MET H 336 0.41 14.16 41.96
N LYS H 337 -0.11 15.34 41.63
CA LYS H 337 -1.02 16.08 42.50
C LYS H 337 -2.34 15.32 42.70
N GLU H 338 -2.81 14.65 41.65
CA GLU H 338 -4.01 13.78 41.72
C GLU H 338 -3.81 12.60 42.68
N HIS H 339 -2.64 11.97 42.63
CA HIS H 339 -2.38 10.71 43.35
C HIS H 339 -1.71 10.88 44.73
N TYR H 340 -1.05 12.03 44.93
CA TYR H 340 -0.28 12.31 46.15
C TYR H 340 -0.69 13.58 46.85
N ASP H 341 -0.53 13.59 48.17
CA ASP H 341 -0.45 14.81 48.93
C ASP H 341 1.00 15.31 48.84
N LEU H 342 1.16 16.57 48.40
CA LEU H 342 2.48 17.20 48.27
C LEU H 342 2.69 18.22 49.37
N TYR H 343 3.89 18.20 49.97
CA TYR H 343 4.20 19.09 51.09
C TYR H 343 5.48 19.90 50.83
N ASN H 344 5.48 21.15 51.29
CA ASN H 344 6.66 22.05 51.22
C ASN H 344 7.24 22.18 49.80
N VAL H 345 6.36 22.37 48.83
CA VAL H 345 6.76 22.42 47.42
C VAL H 345 7.56 23.70 47.11
N GLU H 346 8.82 23.51 46.72
CA GLU H 346 9.67 24.61 46.29
C GLU H 346 9.78 24.54 44.77
N TYR H 347 9.24 25.57 44.10
CA TYR H 347 9.35 25.68 42.64
C TYR H 347 10.65 26.41 42.27
N ILE H 348 11.57 25.69 41.64
CA ILE H 348 12.93 26.21 41.43
C ILE H 348 13.02 26.98 40.10
N SER H 349 12.77 26.28 39.00
CA SER H 349 12.85 26.85 37.66
C SER H 349 12.30 25.86 36.66
N GLY H 350 12.24 26.27 35.39
CA GLY H 350 11.83 25.37 34.33
C GLY H 350 11.96 25.89 32.92
N LEU H 351 11.37 25.14 32.01
CA LEU H 351 11.34 25.47 30.59
C LEU H 351 9.90 25.41 30.13
N LYS H 352 9.47 26.44 29.41
CA LYS H 352 8.13 26.45 28.79
C LYS H 352 8.22 26.41 27.27
N PHE H 353 7.20 25.80 26.66
CA PHE H 353 7.23 25.39 25.27
C PHE H 353 5.97 25.79 24.55
N LYS H 354 6.13 26.24 23.30
CA LYS H 354 5.01 26.31 22.37
C LYS H 354 4.50 24.88 22.12
N ALA H 355 3.27 24.78 21.69
CA ALA H 355 2.62 23.48 21.55
C ALA H 355 1.47 23.52 20.57
N THR H 356 1.25 22.39 19.90
CA THR H 356 0.06 22.18 19.07
C THR H 356 -0.33 20.71 19.00
N THR H 357 -1.49 20.49 18.41
CA THR H 357 -1.99 19.15 18.14
C THR H 357 -2.15 19.02 16.64
N GLY H 358 -1.94 17.81 16.12
CA GLY H 358 -2.25 17.52 14.70
C GLY H 358 -1.09 17.33 13.73
N LEU H 359 0.16 17.57 14.19
CA LEU H 359 1.33 17.56 13.29
C LEU H 359 1.62 16.19 12.65
N PHE H 360 1.25 15.12 13.36
CA PHE H 360 1.55 13.77 12.92
C PHE H 360 0.38 13.07 12.22
N LYS H 361 -0.71 13.80 11.98
CA LYS H 361 -1.98 13.16 11.56
C LYS H 361 -1.83 12.17 10.39
N ASP H 362 -1.33 12.65 9.26
CA ASP H 362 -1.28 11.86 8.01
C ASP H 362 -0.33 10.67 8.11
N PHE H 363 0.81 10.90 8.77
CA PHE H 363 1.81 9.83 8.99
C PHE H 363 1.23 8.70 9.84
N ILE H 364 0.56 9.05 10.92
CA ILE H 364 -0.04 8.06 11.82
C ILE H 364 -1.23 7.35 11.15
N ASP H 365 -2.04 8.10 10.40
CA ASP H 365 -3.11 7.50 9.61
C ASP H 365 -2.58 6.46 8.62
N LYS H 366 -1.47 6.78 7.94
CA LYS H 366 -0.86 5.84 6.99
C LYS H 366 -0.52 4.50 7.64
N TRP H 367 0.28 4.54 8.70
CA TRP H 367 0.82 3.30 9.28
C TRP H 367 -0.15 2.56 10.18
N THR H 368 -1.08 3.31 10.79
CA THR H 368 -2.20 2.72 11.55
C THR H 368 -3.08 1.90 10.63
N TYR H 369 -3.35 2.42 9.43
CA TYR H 369 -4.18 1.68 8.47
C TYR H 369 -3.52 0.35 8.04
N ILE H 370 -2.23 0.42 7.73
CA ILE H 370 -1.44 -0.77 7.39
C ILE H 370 -1.40 -1.75 8.57
N LYS H 371 -1.09 -1.24 9.76
CA LYS H 371 -1.09 -2.04 10.99
C LYS H 371 -2.45 -2.72 11.22
N THR H 372 -3.52 -2.00 10.95
CA THR H 372 -4.87 -2.49 11.19
C THR H 372 -5.33 -3.56 10.17
N THR H 373 -4.79 -3.49 8.96
CA THR H 373 -5.28 -4.33 7.86
C THR H 373 -4.21 -5.28 7.34
N SER H 374 -3.18 -5.50 8.13
CA SER H 374 -2.08 -6.42 7.75
C SER H 374 -1.84 -7.41 8.84
N GLU H 375 -1.02 -8.42 8.57
CA GLU H 375 -0.62 -9.39 9.59
C GLU H 375 0.88 -9.67 9.56
N GLY H 376 1.36 -10.37 10.59
CA GLY H 376 2.75 -10.80 10.69
C GLY H 376 3.77 -9.67 10.56
N ALA H 377 4.80 -9.90 9.75
CA ALA H 377 5.91 -8.95 9.58
C ALA H 377 5.45 -7.57 9.07
N ILE H 378 4.43 -7.58 8.21
CA ILE H 378 3.92 -6.33 7.59
C ILE H 378 3.29 -5.44 8.66
N LYS H 379 2.46 -6.05 9.51
CA LYS H 379 1.87 -5.37 10.65
C LYS H 379 2.93 -4.91 11.65
N GLN H 380 3.89 -5.78 11.94
CA GLN H 380 4.96 -5.45 12.87
C GLN H 380 5.81 -4.28 12.35
N LEU H 381 6.06 -4.28 11.04
CA LEU H 381 6.83 -3.20 10.43
C LEU H 381 6.10 -1.87 10.59
N ALA H 382 4.78 -1.88 10.38
CA ALA H 382 3.95 -0.68 10.51
C ALA H 382 3.94 -0.18 11.96
N LYS H 383 3.83 -1.11 12.90
CA LYS H 383 3.95 -0.82 14.32
C LYS H 383 5.28 -0.13 14.66
N LEU H 384 6.38 -0.66 14.11
CA LEU H 384 7.75 -0.14 14.33
C LEU H 384 7.98 1.24 13.71
N MET H 385 7.37 1.47 12.55
CA MET H 385 7.38 2.78 11.93
C MET H 385 6.79 3.82 12.88
N LEU H 386 5.62 3.54 13.39
CA LEU H 386 4.94 4.41 14.37
C LEU H 386 5.77 4.66 15.67
N ASN H 387 6.25 3.58 16.28
CA ASN H 387 6.97 3.70 17.56
C ASN H 387 8.36 4.30 17.40
N SER H 388 9.05 3.91 16.33
CA SER H 388 10.41 4.41 16.09
C SER H 388 10.48 5.90 15.67
N LEU H 389 9.35 6.47 15.24
CA LEU H 389 9.29 7.93 15.03
C LEU H 389 9.40 8.68 16.35
N TYR H 390 8.66 8.23 17.37
CA TYR H 390 8.83 8.74 18.75
C TYR H 390 10.30 8.66 19.19
N GLY H 391 10.87 7.45 19.07
CA GLY H 391 12.25 7.18 19.48
C GLY H 391 13.28 8.09 18.81
N LYS H 392 13.09 8.34 17.51
CA LYS H 392 13.97 9.23 16.73
C LYS H 392 14.00 10.65 17.29
N PHE H 393 12.85 11.15 17.74
CA PHE H 393 12.79 12.47 18.38
C PHE H 393 13.72 12.54 19.57
N ALA H 394 13.79 11.45 20.35
CA ALA H 394 14.60 11.37 21.56
C ALA H 394 15.97 10.72 21.32
N SER H 395 16.43 10.66 20.07
CA SER H 395 17.73 10.06 19.73
C SER H 395 18.79 10.57 20.68
N ASN H 396 19.48 9.64 21.34
CA ASN H 396 20.59 9.96 22.20
C ASN H 396 21.71 10.67 21.41
N PRO H 397 22.14 11.87 21.85
CA PRO H 397 23.23 12.61 21.19
C PRO H 397 24.59 11.91 21.27
N ASP H 398 24.80 11.08 22.29
CA ASP H 398 26.02 10.31 22.41
C ASP H 398 26.00 9.12 21.44
N VAL H 399 26.78 9.23 20.37
CA VAL H 399 26.90 8.17 19.37
C VAL H 399 28.31 7.56 19.34
N THR H 400 29.00 7.58 20.49
CA THR H 400 30.30 6.91 20.62
C THR H 400 30.11 5.42 20.31
N GLY H 401 31.04 4.84 19.55
CA GLY H 401 30.91 3.44 19.13
C GLY H 401 32.11 2.54 19.41
N LYS H 402 32.03 1.31 18.92
CA LYS H 402 33.12 0.34 18.99
C LYS H 402 33.96 0.38 17.72
N VAL H 403 35.28 0.43 17.90
CA VAL H 403 36.23 0.40 16.77
C VAL H 403 36.92 -0.96 16.74
N PRO H 404 36.88 -1.65 15.57
CA PRO H 404 37.51 -2.96 15.44
C PRO H 404 39.00 -2.88 15.25
N TYR H 405 39.72 -3.88 15.77
CA TYR H 405 41.14 -4.06 15.48
C TYR H 405 41.48 -5.55 15.40
N LEU H 406 42.47 -5.89 14.58
CA LEU H 406 42.95 -7.26 14.48
C LEU H 406 43.93 -7.59 15.61
N LYS H 407 43.56 -8.54 16.48
CA LYS H 407 44.42 -8.98 17.58
C LYS H 407 45.60 -9.82 17.07
N GLU H 408 46.53 -10.10 17.98
CA GLU H 408 47.65 -11.00 17.69
C GLU H 408 47.16 -12.43 17.42
N ASN H 409 46.18 -12.86 18.22
CA ASN H 409 45.58 -14.20 18.06
C ASN H 409 44.79 -14.41 16.74
N GLY H 410 44.67 -13.34 15.94
CA GLY H 410 44.04 -13.42 14.62
C GLY H 410 42.58 -13.04 14.61
N ALA H 411 42.02 -12.82 15.80
CA ALA H 411 40.60 -12.49 15.97
C ALA H 411 40.40 -10.99 16.09
N LEU H 412 39.17 -10.55 15.89
CA LEU H 412 38.82 -9.15 16.09
C LEU H 412 38.55 -8.85 17.56
N GLY H 413 39.05 -7.72 18.00
CA GLY H 413 38.70 -7.13 19.31
C GLY H 413 38.00 -5.82 19.03
N PHE H 414 37.28 -5.31 20.02
CA PHE H 414 36.46 -4.09 19.82
C PHE H 414 36.57 -3.08 20.95
N ARG H 415 37.62 -2.27 20.90
CA ARG H 415 37.80 -1.15 21.83
C ARG H 415 36.76 -0.05 21.56
N LEU H 416 36.54 0.78 22.58
CA LEU H 416 35.63 1.92 22.48
C LEU H 416 36.34 3.05 21.75
N GLY H 417 35.66 3.64 20.77
CA GLY H 417 36.25 4.75 20.01
C GLY H 417 36.26 6.06 20.79
N GLU H 418 36.74 7.12 20.14
CA GLU H 418 36.72 8.47 20.71
C GLU H 418 35.29 8.88 21.00
N GLU H 419 35.09 9.65 22.07
CA GLU H 419 33.75 10.15 22.37
C GLU H 419 33.20 10.91 21.16
N GLU H 420 32.03 10.48 20.71
CA GLU H 420 31.41 11.02 19.53
C GLU H 420 30.00 11.49 19.91
N THR H 421 29.76 12.80 19.77
CA THR H 421 28.45 13.39 20.05
C THR H 421 27.84 13.95 18.76
N LYS H 422 26.53 13.81 18.63
CA LYS H 422 25.77 14.40 17.53
C LYS H 422 24.67 15.30 18.09
N ASP H 423 24.11 16.15 17.24
CA ASP H 423 23.04 17.06 17.65
C ASP H 423 21.80 16.28 18.10
N PRO H 424 21.04 16.85 19.05
CA PRO H 424 19.75 16.22 19.36
C PRO H 424 18.78 16.41 18.19
N VAL H 425 17.75 15.58 18.13
CA VAL H 425 16.68 15.77 17.17
C VAL H 425 15.69 16.75 17.81
N TYR H 426 14.77 16.25 18.61
CA TYR H 426 13.90 17.12 19.40
C TYR H 426 13.37 16.36 20.60
N THR H 427 14.17 16.38 21.67
CA THR H 427 13.91 15.61 22.87
C THR H 427 12.64 15.99 23.63
N PRO H 428 12.25 17.29 23.63
CA PRO H 428 10.99 17.66 24.32
C PRO H 428 9.78 16.86 23.83
N MET H 429 9.79 16.49 22.55
CA MET H 429 8.75 15.62 21.98
C MET H 429 8.70 14.26 22.66
N GLY H 430 9.87 13.66 22.89
CA GLY H 430 9.97 12.40 23.64
C GLY H 430 9.51 12.53 25.07
N VAL H 431 9.89 13.64 25.72
CA VAL H 431 9.46 13.90 27.10
C VAL H 431 7.94 13.88 27.28
N PHE H 432 7.24 14.59 26.39
CA PHE H 432 5.79 14.74 26.50
C PHE H 432 5.00 13.56 25.94
N ILE H 433 5.55 12.87 24.94
CA ILE H 433 4.93 11.65 24.43
C ILE H 433 4.84 10.57 25.53
N THR H 434 5.93 10.37 26.27
CA THR H 434 5.94 9.37 27.33
C THR H 434 5.12 9.83 28.53
N ALA H 435 5.13 11.13 28.81
CA ALA H 435 4.33 11.70 29.90
C ALA H 435 2.83 11.47 29.68
N TRP H 436 2.34 11.81 28.48
CA TRP H 436 0.96 11.61 28.11
C TRP H 436 0.56 10.10 28.11
N ALA H 437 1.48 9.25 27.68
CA ALA H 437 1.29 7.81 27.71
C ALA H 437 1.14 7.27 29.16
N ARG H 438 1.99 7.77 30.06
CA ARG H 438 1.88 7.43 31.49
C ARG H 438 0.55 7.88 32.05
N TYR H 439 0.18 9.13 31.74
CA TYR H 439 -1.11 9.67 32.17
C TYR H 439 -2.26 8.76 31.73
N THR H 440 -2.24 8.36 30.45
CA THR H 440 -3.28 7.53 29.87
C THR H 440 -3.42 6.20 30.58
N THR H 441 -2.30 5.48 30.74
CA THR H 441 -2.28 4.14 31.33
C THR H 441 -2.61 4.18 32.83
N ILE H 442 -1.98 5.11 33.55
CA ILE H 442 -2.22 5.25 34.99
C ILE H 442 -3.68 5.62 35.32
N THR H 443 -4.28 6.50 34.51
CA THR H 443 -5.67 6.90 34.72
C THR H 443 -6.65 5.71 34.58
N ALA H 444 -6.42 4.86 33.58
CA ALA H 444 -7.27 3.67 33.36
C ALA H 444 -7.06 2.62 34.44
N ALA H 445 -5.80 2.44 34.84
CA ALA H 445 -5.48 1.48 35.90
C ALA H 445 -6.17 1.92 37.17
N GLN H 446 -6.11 3.22 37.45
CA GLN H 446 -6.75 3.83 38.59
C GLN H 446 -8.27 3.71 38.55
N ALA H 447 -8.87 3.84 37.36
CA ALA H 447 -10.32 3.64 37.20
C ALA H 447 -10.68 2.20 37.62
N CYS H 448 -9.72 1.28 37.48
CA CYS H 448 -9.90 -0.16 37.76
C CYS H 448 -9.21 -0.61 39.04
N TYR H 449 -9.08 0.32 39.99
CA TYR H 449 -8.28 0.13 41.22
C TYR H 449 -8.55 -1.17 42.01
N ASP H 450 -9.82 -1.52 42.14
CA ASP H 450 -10.22 -2.72 42.91
C ASP H 450 -9.80 -4.05 42.28
N ARG H 451 -9.50 -4.04 40.98
CA ARG H 451 -9.13 -5.24 40.23
C ARG H 451 -7.69 -5.26 39.65
N ILE H 452 -6.98 -4.14 39.77
CA ILE H 452 -5.67 -3.99 39.11
C ILE H 452 -4.56 -4.82 39.76
N ILE H 453 -3.89 -5.61 38.93
CA ILE H 453 -2.76 -6.40 39.35
C ILE H 453 -1.47 -5.76 38.91
N TYR H 454 -1.40 -5.35 37.64
CA TYR H 454 -0.12 -5.06 36.97
C TYR H 454 -0.28 -4.16 35.75
N CYS H 455 0.69 -3.28 35.52
CA CYS H 455 0.79 -2.52 34.28
C CYS H 455 2.19 -2.63 33.70
N ASP H 456 2.29 -2.74 32.39
CA ASP H 456 3.56 -2.42 31.70
C ASP H 456 3.33 -1.51 30.48
N THR H 457 3.48 -0.21 30.75
CA THR H 457 3.54 0.87 29.73
C THR H 457 2.19 1.29 29.17
N ASP H 458 1.47 0.30 28.60
CA ASP H 458 0.16 0.49 27.92
C ASP H 458 -0.77 -0.72 28.22
N SER H 459 -0.53 -1.43 29.32
CA SER H 459 -1.38 -2.60 29.65
C SER H 459 -1.93 -2.52 31.06
N ILE H 460 -3.15 -3.04 31.23
CA ILE H 460 -3.71 -3.24 32.54
C ILE H 460 -4.09 -4.72 32.67
N HIS H 461 -3.58 -5.36 33.73
CA HIS H 461 -3.91 -6.77 34.04
C HIS H 461 -4.84 -6.74 35.24
N LEU H 462 -6.01 -7.35 35.08
CA LEU H 462 -7.05 -7.31 36.10
C LEU H 462 -7.45 -8.72 36.51
N THR H 463 -7.86 -8.88 37.76
CA THR H 463 -8.56 -10.10 38.20
C THR H 463 -9.96 -10.10 37.61
N GLY H 464 -10.57 -11.28 37.49
CA GLY H 464 -11.92 -11.39 36.94
C GLY H 464 -11.90 -11.39 35.42
N THR H 465 -13.03 -11.75 34.84
CA THR H 465 -13.11 -11.96 33.39
C THR H 465 -14.15 -11.06 32.68
N GLU H 466 -14.82 -10.22 33.46
CA GLU H 466 -15.80 -9.30 32.91
C GLU H 466 -15.16 -7.94 32.65
N ILE H 467 -15.45 -7.37 31.50
CA ILE H 467 -14.93 -6.03 31.18
C ILE H 467 -15.53 -5.05 32.20
N PRO H 468 -14.67 -4.26 32.90
CA PRO H 468 -15.19 -3.25 33.82
C PRO H 468 -16.11 -2.28 33.12
N ASP H 469 -17.21 -1.92 33.80
CA ASP H 469 -18.18 -0.96 33.26
CA ASP H 469 -18.18 -0.98 33.27
C ASP H 469 -17.52 0.36 32.92
N VAL H 470 -16.58 0.78 33.77
CA VAL H 470 -15.88 2.05 33.59
C VAL H 470 -15.05 2.15 32.29
N ILE H 471 -14.52 1.03 31.80
CA ILE H 471 -13.71 1.04 30.55
C ILE H 471 -14.41 0.46 29.33
N LYS H 472 -15.66 0.04 29.50
CA LYS H 472 -16.41 -0.67 28.46
C LYS H 472 -16.44 0.08 27.12
N ASP H 473 -16.64 1.39 27.15
CA ASP H 473 -16.72 2.22 25.92
C ASP H 473 -15.38 2.53 25.28
N ILE H 474 -14.29 2.24 25.98
CA ILE H 474 -12.94 2.50 25.42
C ILE H 474 -12.18 1.22 25.08
N VAL H 475 -12.91 0.09 25.10
CA VAL H 475 -12.38 -1.19 24.66
C VAL H 475 -12.72 -1.43 23.18
N ASP H 476 -11.70 -1.77 22.39
CA ASP H 476 -11.90 -2.07 20.98
C ASP H 476 -10.71 -2.86 20.49
N PRO H 477 -10.93 -3.86 19.61
CA PRO H 477 -9.76 -4.63 19.10
C PRO H 477 -8.78 -3.90 18.16
N LYS H 478 -9.22 -2.85 17.44
CA LYS H 478 -8.38 -2.19 16.41
C LYS H 478 -8.20 -0.67 16.54
N LYS H 479 -9.19 0.03 17.12
CA LYS H 479 -9.19 1.50 17.16
C LYS H 479 -7.99 2.09 17.89
N LEU H 480 -7.30 3.01 17.22
CA LEU H 480 -6.12 3.69 17.75
C LEU H 480 -6.41 4.30 19.09
N GLY H 481 -5.58 3.98 20.08
CA GLY H 481 -5.76 4.57 21.41
C GLY H 481 -6.76 3.84 22.30
N TYR H 482 -7.57 2.95 21.70
CA TYR H 482 -8.52 2.14 22.48
C TYR H 482 -7.80 0.97 23.12
N TRP H 483 -8.44 0.39 24.12
CA TRP H 483 -7.87 -0.74 24.86
C TRP H 483 -8.35 -2.03 24.26
N ALA H 484 -7.45 -2.77 23.62
CA ALA H 484 -7.77 -4.12 23.14
C ALA H 484 -7.93 -5.09 24.32
N HIS H 485 -8.98 -5.91 24.28
CA HIS H 485 -9.06 -7.04 25.20
C HIS H 485 -8.14 -8.08 24.58
N GLU H 486 -6.92 -8.14 25.09
CA GLU H 486 -5.86 -8.92 24.46
C GLU H 486 -5.93 -10.40 24.82
N SER H 487 -6.23 -10.69 26.09
CA SER H 487 -6.38 -12.10 26.54
C SER H 487 -7.22 -12.23 27.80
N THR H 488 -7.62 -13.46 28.07
CA THR H 488 -8.19 -13.83 29.36
C THR H 488 -7.41 -15.06 29.84
N PHE H 489 -7.04 -15.06 31.11
CA PHE H 489 -6.28 -16.18 31.67
C PHE H 489 -7.00 -16.91 32.81
N LYS H 490 -6.73 -18.21 32.89
CA LYS H 490 -7.28 -19.11 33.91
C LYS H 490 -6.60 -18.89 35.25
N ARG H 491 -5.28 -18.68 35.18
CA ARG H 491 -4.46 -18.41 36.36
C ARG H 491 -3.19 -17.66 35.95
N ALA H 492 -2.55 -17.03 36.93
CA ALA H 492 -1.34 -16.23 36.69
C ALA H 492 -0.53 -16.09 37.98
N LYS H 493 0.71 -15.62 37.82
CA LYS H 493 1.60 -15.37 38.95
C LYS H 493 2.65 -14.31 38.57
N TYR H 494 2.66 -13.23 39.33
CA TYR H 494 3.55 -12.11 39.11
C TYR H 494 4.59 -12.06 40.22
N LEU H 495 5.86 -12.20 39.85
CA LEU H 495 6.95 -12.15 40.82
C LEU H 495 7.40 -10.71 41.09
N ARG H 496 7.50 -9.94 40.01
CA ARG H 496 8.06 -8.59 40.07
C ARG H 496 7.86 -7.97 38.69
N GLN H 497 8.40 -6.77 38.50
CA GLN H 497 8.33 -6.11 37.20
C GLN H 497 8.96 -6.94 36.07
N LYS H 498 8.21 -7.01 34.96
CA LYS H 498 8.56 -7.74 33.72
C LYS H 498 8.84 -9.24 33.92
N THR H 499 8.27 -9.80 34.99
CA THR H 499 8.51 -11.17 35.42
C THR H 499 7.19 -11.77 35.88
N TYR H 500 6.47 -12.43 34.97
CA TYR H 500 5.22 -13.08 35.33
C TYR H 500 4.87 -14.22 34.38
N ILE H 501 3.85 -14.98 34.75
CA ILE H 501 3.37 -16.10 33.95
C ILE H 501 1.86 -16.09 33.90
N GLN H 502 1.31 -16.63 32.80
CA GLN H 502 -0.14 -16.69 32.60
C GLN H 502 -0.52 -17.98 31.87
N ASP H 503 -1.62 -18.59 32.30
CA ASP H 503 -2.26 -19.68 31.57
C ASP H 503 -3.48 -19.13 30.85
N ILE H 504 -3.34 -18.98 29.54
CA ILE H 504 -4.28 -18.20 28.73
C ILE H 504 -5.28 -19.09 28.01
N TYR H 505 -6.56 -18.76 28.14
CA TYR H 505 -7.61 -19.41 27.36
C TYR H 505 -7.41 -19.17 25.86
N MET H 506 -7.33 -20.26 25.10
CA MET H 506 -7.16 -20.22 23.65
C MET H 506 -8.19 -21.09 22.94
N LYS H 507 -8.62 -20.66 21.75
CA LYS H 507 -9.57 -21.41 20.93
C LYS H 507 -8.92 -21.79 19.60
N GLU H 508 -9.07 -23.04 19.21
CA GLU H 508 -8.50 -23.53 17.96
C GLU H 508 -9.44 -23.11 16.82
N VAL H 509 -8.91 -22.33 15.88
CA VAL H 509 -9.72 -21.79 14.76
C VAL H 509 -8.89 -21.61 13.47
N GLY H 511 -7.26 -23.78 11.61
CA GLY H 511 -6.24 -24.65 12.24
C GLY H 511 -5.14 -23.86 12.92
N LYS H 512 -5.54 -22.78 13.61
CA LYS H 512 -4.62 -21.87 14.29
C LYS H 512 -5.14 -21.58 15.69
N LEU H 513 -4.23 -21.49 16.66
CA LEU H 513 -4.59 -21.21 18.04
C LEU H 513 -4.64 -19.70 18.29
N VAL H 514 -5.84 -19.22 18.61
CA VAL H 514 -6.07 -17.78 18.86
C VAL H 514 -6.61 -17.55 20.28
N GLU H 515 -6.56 -16.30 20.73
CA GLU H 515 -7.07 -15.97 22.06
C GLU H 515 -8.57 -16.31 22.18
N GLY H 516 -8.94 -16.93 23.30
CA GLY H 516 -10.29 -17.40 23.54
C GLY H 516 -10.88 -16.82 24.81
N SER H 517 -12.02 -17.40 25.21
CA SER H 517 -12.76 -16.98 26.40
C SER H 517 -12.99 -18.16 27.35
N PRO H 518 -13.27 -17.88 28.65
CA PRO H 518 -13.71 -18.91 29.59
C PRO H 518 -14.92 -19.70 29.09
N ASP H 519 -15.84 -19.04 28.38
CA ASP H 519 -17.03 -19.71 27.88
CA ASP H 519 -17.05 -19.65 27.85
C ASP H 519 -16.84 -20.27 26.47
N ASP H 520 -15.66 -20.03 25.88
CA ASP H 520 -15.37 -20.46 24.51
C ASP H 520 -13.86 -20.64 24.28
N TYR H 521 -13.36 -21.85 24.57
CA TYR H 521 -11.94 -22.16 24.41
C TYR H 521 -11.75 -23.66 24.33
N THR H 522 -10.60 -24.07 23.80
CA THR H 522 -10.23 -25.50 23.69
C THR H 522 -8.88 -25.82 24.36
N ASP H 523 -8.00 -24.82 24.42
CA ASP H 523 -6.62 -25.00 24.93
C ASP H 523 -6.29 -23.95 25.99
N ILE H 524 -5.54 -24.37 27.00
CA ILE H 524 -4.94 -23.44 27.96
C ILE H 524 -3.45 -23.29 27.60
N LYS H 525 -3.06 -22.12 27.12
CA LYS H 525 -1.66 -21.90 26.67
C LYS H 525 -0.82 -21.17 27.72
N PHE H 526 0.29 -21.79 28.06
CA PHE H 526 1.20 -21.24 29.05
C PHE H 526 2.07 -20.14 28.42
N SER H 527 2.16 -19.00 29.09
CA SER H 527 2.93 -17.86 28.61
C SER H 527 3.86 -17.35 29.70
N VAL H 528 5.15 -17.24 29.39
CA VAL H 528 6.17 -16.75 30.34
C VAL H 528 6.72 -15.41 29.87
N LYS H 529 6.55 -14.37 30.68
CA LYS H 529 7.16 -13.07 30.43
C LYS H 529 8.23 -12.81 31.47
N CYS H 530 9.48 -12.75 31.03
CA CYS H 530 10.61 -12.61 31.95
C CYS H 530 11.79 -11.90 31.28
N ALA H 531 11.93 -10.61 31.57
CA ALA H 531 13.05 -9.81 31.08
C ALA H 531 14.39 -10.50 31.36
N GLY H 532 15.18 -10.68 30.29
CA GLY H 532 16.47 -11.36 30.39
C GLY H 532 16.43 -12.86 30.09
N MET H 533 15.31 -13.51 30.39
CA MET H 533 15.17 -14.94 30.19
C MET H 533 14.89 -15.29 28.73
N THR H 534 15.85 -15.96 28.10
CA THR H 534 15.71 -16.37 26.70
C THR H 534 14.78 -17.60 26.57
N ASP H 535 14.43 -17.95 25.32
CA ASP H 535 13.36 -18.94 25.04
C ASP H 535 13.55 -20.36 25.58
N LYS H 536 14.73 -20.93 25.39
CA LYS H 536 15.01 -22.31 25.86
C LYS H 536 14.86 -22.45 27.37
N ILE H 537 15.19 -21.39 28.11
CA ILE H 537 15.09 -21.39 29.57
C ILE H 537 13.62 -21.27 30.01
N LYS H 538 12.80 -20.63 29.18
CA LYS H 538 11.35 -20.50 29.43
C LYS H 538 10.63 -21.85 29.39
N LYS H 539 11.17 -22.80 28.63
CA LYS H 539 10.60 -24.16 28.55
C LYS H 539 10.68 -24.94 29.88
N GLU H 540 11.59 -24.53 30.76
CA GLU H 540 11.79 -25.19 32.05
C GLU H 540 10.84 -24.68 33.13
N VAL H 541 10.13 -23.59 32.82
CA VAL H 541 9.21 -22.97 33.77
C VAL H 541 7.85 -23.70 33.81
N THR H 542 7.33 -23.87 35.03
CA THR H 542 5.96 -24.32 35.27
C THR H 542 5.33 -23.36 36.27
N PHE H 543 4.01 -23.41 36.42
CA PHE H 543 3.30 -22.55 37.37
CA PHE H 543 3.30 -22.57 37.38
C PHE H 543 3.76 -22.81 38.81
N GLU H 544 3.99 -24.07 39.14
CA GLU H 544 4.33 -24.48 40.51
C GLU H 544 5.78 -24.15 40.92
N ASN H 545 6.70 -24.13 39.95
CA ASN H 545 8.11 -23.80 40.23
C ASN H 545 8.53 -22.33 40.00
N PHE H 546 7.60 -21.51 39.51
CA PHE H 546 7.90 -20.10 39.19
C PHE H 546 7.95 -19.27 40.46
N LYS H 547 9.15 -19.18 41.02
CA LYS H 547 9.38 -18.52 42.29
C LYS H 547 10.77 -17.87 42.28
N VAL H 548 11.01 -16.98 43.23
CA VAL H 548 12.34 -16.44 43.46
C VAL H 548 13.24 -17.59 43.91
N GLY H 549 14.31 -17.83 43.15
CA GLY H 549 15.19 -18.95 43.42
C GLY H 549 15.01 -20.06 42.42
N PHE H 550 14.08 -19.88 41.49
CA PHE H 550 14.08 -20.66 40.24
C PHE H 550 15.39 -20.33 39.55
N SER H 551 16.06 -21.35 39.04
CA SER H 551 17.42 -21.17 38.51
C SER H 551 17.82 -22.30 37.57
N ARG H 552 18.17 -21.93 36.34
CA ARG H 552 18.58 -22.90 35.31
C ARG H 552 19.73 -22.28 34.48
N LYS H 553 19.88 -22.68 33.21
CA LYS H 553 21.22 -22.77 32.55
C LYS H 553 21.50 -21.97 31.25
N MET H 554 21.82 -22.71 30.18
CA MET H 554 22.48 -22.14 28.97
C MET H 554 21.57 -21.69 27.81
N LYS H 555 21.75 -20.42 27.42
CA LYS H 555 21.25 -19.87 26.14
C LYS H 555 22.18 -18.70 25.68
N PRO H 556 22.29 -18.44 24.35
CA PRO H 556 23.60 -18.01 23.83
C PRO H 556 24.04 -16.56 24.02
N LYS H 557 25.28 -16.30 23.59
CA LYS H 557 25.89 -14.98 23.59
C LYS H 557 27.07 -15.01 22.60
N PRO H 558 27.06 -14.09 21.61
CA PRO H 558 28.11 -14.09 20.58
C PRO H 558 29.49 -13.72 21.13
N VAL H 559 30.53 -14.38 20.61
CA VAL H 559 31.91 -14.12 21.02
C VAL H 559 32.84 -14.00 19.81
N GLN H 560 33.94 -13.27 19.99
CA GLN H 560 34.90 -13.02 18.91
C GLN H 560 36.09 -13.97 18.96
N VAL H 561 36.23 -14.78 17.90
CA VAL H 561 37.35 -15.72 17.74
C VAL H 561 37.97 -15.48 16.35
N PRO H 562 39.05 -16.21 16.00
CA PRO H 562 39.59 -16.09 14.65
C PRO H 562 38.98 -17.12 13.68
N GLY H 563 38.18 -16.69 12.71
CA GLY H 563 37.81 -15.28 12.51
C GLY H 563 36.60 -15.15 11.60
N GLY H 564 35.45 -14.70 12.12
CA GLY H 564 35.32 -14.17 13.49
C GLY H 564 34.24 -14.82 14.34
N VAL H 565 33.10 -14.15 14.43
CA VAL H 565 32.00 -14.48 15.36
C VAL H 565 31.59 -15.97 15.42
N VAL H 566 31.25 -16.41 16.63
CA VAL H 566 30.73 -17.76 16.88
C VAL H 566 29.82 -17.74 18.12
N LEU H 567 28.88 -18.70 18.20
CA LEU H 567 27.90 -18.74 19.29
C LEU H 567 28.29 -19.70 20.42
N VAL H 568 28.34 -19.17 21.65
CA VAL H 568 28.51 -19.96 22.88
C VAL H 568 27.36 -19.65 23.84
N ASP H 569 27.23 -20.45 24.90
CA ASP H 569 26.06 -20.36 25.79
C ASP H 569 26.39 -19.81 27.21
N ASP H 570 25.40 -19.14 27.82
CA ASP H 570 25.57 -18.43 29.11
C ASP H 570 24.63 -19.00 30.21
N THR H 571 23.96 -18.12 31.00
CA THR H 571 23.13 -18.57 32.15
C THR H 571 22.06 -17.55 32.57
N PHE H 572 20.96 -18.04 33.16
CA PHE H 572 19.92 -17.18 33.77
C PHE H 572 19.41 -17.71 35.12
N THR H 573 19.32 -16.81 36.11
CA THR H 573 18.82 -17.14 37.45
C THR H 573 17.87 -16.02 37.93
N ILE H 574 16.73 -16.38 38.50
CA ILE H 574 15.80 -15.38 39.08
C ILE H 574 16.29 -14.97 40.47
N LYS H 575 17.01 -13.85 40.52
CA LYS H 575 17.63 -13.34 41.76
C LYS H 575 16.59 -12.67 42.65
#